data_7Q49
#
_entry.id   7Q49
#
_cell.length_a   1.00
_cell.length_b   1.00
_cell.length_c   1.00
_cell.angle_alpha   90.00
_cell.angle_beta   90.00
_cell.angle_gamma   90.00
#
_symmetry.space_group_name_H-M   'P 1'
#
loop_
_entity.id
_entity.type
_entity.pdbx_description
1 polymer 'Angiotensin-converting enzyme'
2 branched alpha-D-mannopyranose-(1-3)-[alpha-D-mannopyranose-(1-6)]beta-D-mannopyranose-(1-4)-2-acetamido-2-deoxy-beta-D-glucopyranose-(1-4)-[alpha-L-fucopyranose-(1-6)]2-acetamido-2-deoxy-beta-D-glucopyranose
3 branched alpha-D-mannopyranose-(1-3)-[alpha-D-mannopyranose-(1-6)]beta-D-mannopyranose-(1-4)-2-acetamido-2-deoxy-beta-D-glucopyranose-(1-4)-2-acetamido-2-deoxy-beta-D-glucopyranose
4 branched beta-D-mannopyranose-(1-4)-2-acetamido-2-deoxy-beta-D-glucopyranose-(1-4)-2-acetamido-2-deoxy-beta-D-glucopyranose
5 non-polymer 'ZINC ION'
6 non-polymer 2-acetamido-2-deoxy-beta-D-glucopyranose
7 water water
#
_entity_poly.entity_id   1
_entity_poly.type   'polypeptide(L)'
_entity_poly.pdbx_seq_one_letter_code
;LDPGLQPGNFSADEAGAQLFAQSYNSSAEQVLFQSVAASWAHDTNITAENARRQEEAALLSQEFAEAWGQKAKELYEPIW
QNFTDPQLRRIIGAVRTLGSANLPLAKRQQYNALLSNMSRIYSTAKVCLPNKTATCWSLDPDLTNILASSRSYAMLLFAW
EGWHNAAGIPLKPLYEDFTALSNEAYKQDGFTDTGAYWRSWYNSPTFEDDLEHLYQQLEPLYLNLHAFVRRALHRRYGDR
YINLRGPIPAHLLGDMWAQSWENIYDMVVPFPDKPNLDVTSTMLQQGWNATHMFRVAEEFFTSLELSPMPPEFWEGSMLE
KPADGREVVCHASAWDFYNRKDFRIKQCTRVTMDQLSTVHHEMGHIQYYLQYKDLPVSLRRGANPGFHEAIGDVLALSVS
TPEHLHKIGLLDRVTNDTESDINYLLKMALEKIAFLPFGYLVDQWRWGVFSGRTPPSRYNFDWWYLRTKYQGICPPVTRN
ETHFDAGAKFHVPNVTPYIRYFVSFVLQFQFHEALCKEAGYEGPLHQCDIYRSTKAGAKLRKVLQAGSSRPWQEVLKDMV
GLDALDAQPLLKYFQLVTQWLQEQNQQNGEVLGWPEYQWHPPLPDNYPEGIDLVTDEAEASKFVEEYDRTSQVVWNEYAE
ANWNYNTNITTETSKILLQKNMQIANHTLKYGTQARKFDVNQLQNTTIKRIIKKVQDLERAALPAQELEEYNKILLDMET
TYSVATVCHPNGSCLQLEPDLTNVMATSRKYEDLLWAWEGWRDKAGRAILQFYPKYVELINQAARLNGYVDAGDSWRSMY
ETPSLEQDLERLFQELQPLYLNLHAYVRRALHRHYGAQHINLEGPIPAHLLGNMWAQTWSNIYDLVVPFPSAPSMDTTEA
MLKQGWTPRRMFKEADDFFTSLGLLPVPPEFWNKSMLEKPTDGREVVCHASAWDFYNGKDFRIKQCTTVNLEDLVVAHHE
MGHIQYFMQYKDLPVALREGANPGFHEAIGDVLALSVSTPKHLHSLNLLSSEGGSDEHDINFLMKMALDKIAFIPFSYLV
DQWRWRVFDGSITKENYNQEWWSLRLKYQGLCPPVPRTQGDFDPGAKFHIPSSVPYIRYFVSFIIQFQFHEALCQAAGHT
GPLHKCDIYQSKEAGQRLATAMKLGFSRPWPEAMQLITGQPNMSASAMLSYFKPLLDWLRTENELHGEKLGWPQYNWTPN
SARSEGPLPDS
;
_entity_poly.pdbx_strand_id   A
#
loop_
_chem_comp.id
_chem_comp.type
_chem_comp.name
_chem_comp.formula
BMA D-saccharide, beta linking beta-D-mannopyranose 'C6 H12 O6'
FUC L-saccharide, alpha linking alpha-L-fucopyranose 'C6 H12 O5'
MAN D-saccharide, alpha linking alpha-D-mannopyranose 'C6 H12 O6'
NAG D-saccharide, beta linking 2-acetamido-2-deoxy-beta-D-glucopyranose 'C8 H15 N O6'
ZN non-polymer 'ZINC ION' 'Zn 2'
#
# COMPACT_ATOMS: atom_id res chain seq x y z
N LEU A 1 18.29 17.55 31.11
CA LEU A 1 17.43 16.58 30.39
C LEU A 1 15.96 16.78 30.77
N ASP A 2 15.16 17.13 29.77
CA ASP A 2 13.75 17.44 29.96
C ASP A 2 13.00 16.30 30.64
N PRO A 3 12.35 16.52 31.79
CA PRO A 3 11.46 15.48 32.33
C PRO A 3 10.40 15.07 31.35
N GLY A 4 9.92 16.01 30.52
CA GLY A 4 8.93 15.74 29.51
C GLY A 4 9.43 14.84 28.39
N LEU A 5 10.71 14.50 28.39
CA LEU A 5 11.29 13.63 27.38
C LEU A 5 11.89 12.35 27.94
N GLN A 6 12.31 12.31 29.22
CA GLN A 6 12.93 11.11 29.76
C GLN A 6 12.04 10.46 30.82
N PRO A 7 11.92 9.12 30.79
CA PRO A 7 11.14 8.44 31.82
C PRO A 7 11.76 8.55 33.20
N GLY A 8 10.92 8.34 34.21
CA GLY A 8 11.29 8.39 35.62
C GLY A 8 11.60 7.03 36.22
N ASN A 9 11.26 6.89 37.50
CA ASN A 9 11.44 5.65 38.25
C ASN A 9 10.13 4.90 38.33
N PHE A 10 10.16 3.61 38.07
CA PHE A 10 8.96 2.79 38.17
C PHE A 10 9.35 1.37 38.53
N SER A 11 8.49 0.70 39.29
CA SER A 11 8.73 -0.70 39.61
C SER A 11 8.33 -1.59 38.45
N ALA A 12 8.71 -2.86 38.54
CA ALA A 12 8.32 -3.84 37.53
C ALA A 12 6.84 -4.22 37.61
N ASP A 13 6.10 -3.67 38.56
CA ASP A 13 4.72 -4.07 38.78
C ASP A 13 3.80 -3.52 37.70
N GLU A 14 2.59 -4.09 37.63
CA GLU A 14 1.59 -3.56 36.71
C GLU A 14 1.23 -2.14 37.09
N ALA A 15 1.11 -1.87 38.39
CA ALA A 15 0.84 -0.51 38.82
C ALA A 15 1.95 0.42 38.35
N GLY A 16 3.19 -0.04 38.43
CA GLY A 16 4.29 0.76 37.92
C GLY A 16 4.17 0.91 36.41
N ALA A 17 3.93 -0.21 35.72
CA ALA A 17 3.83 -0.15 34.26
C ALA A 17 2.68 0.74 33.84
N GLN A 18 1.59 0.74 34.61
CA GLN A 18 0.49 1.64 34.29
C GLN A 18 0.92 3.08 34.48
N LEU A 19 1.58 3.37 35.60
CA LEU A 19 2.05 4.73 35.81
C LEU A 19 3.01 5.14 34.71
N PHE A 20 3.94 4.23 34.37
CA PHE A 20 4.89 4.53 33.30
C PHE A 20 4.18 4.78 31.98
N ALA A 21 3.27 3.88 31.60
CA ALA A 21 2.56 4.05 30.34
C ALA A 21 1.83 5.39 30.32
N GLN A 22 1.07 5.67 31.38
CA GLN A 22 0.34 6.93 31.42
C GLN A 22 1.29 8.09 31.22
N SER A 23 2.47 8.02 31.85
CA SER A 23 3.44 9.08 31.66
C SER A 23 3.94 9.09 30.22
N TYR A 24 4.11 7.91 29.62
CA TYR A 24 4.54 7.86 28.24
C TYR A 24 3.52 8.51 27.32
N ASN A 25 2.24 8.19 27.49
CA ASN A 25 1.22 8.79 26.66
C ASN A 25 1.27 10.30 26.69
N SER A 26 1.36 10.88 27.89
CA SER A 26 1.32 12.34 28.00
C SER A 26 2.46 12.99 27.25
N SER A 27 3.69 12.55 27.50
CA SER A 27 4.82 13.14 26.79
C SER A 27 4.86 12.73 25.33
N ALA A 28 4.41 11.52 25.01
CA ALA A 28 4.56 11.04 23.64
C ALA A 28 3.80 11.91 22.65
N GLU A 29 2.54 12.24 22.94
CA GLU A 29 1.81 13.04 21.97
C GLU A 29 2.45 14.42 21.81
N GLN A 30 3.06 14.94 22.87
CA GLN A 30 3.78 16.20 22.71
C GLN A 30 4.90 16.05 21.69
N VAL A 31 5.69 15.00 21.83
CA VAL A 31 6.83 14.81 20.93
C VAL A 31 6.35 14.56 19.51
N LEU A 32 5.37 13.67 19.35
CA LEU A 32 4.89 13.37 18.01
C LEU A 32 4.38 14.62 17.33
N PHE A 33 3.70 15.48 18.08
CA PHE A 33 3.15 16.69 17.47
C PHE A 33 4.24 17.52 16.82
N GLN A 34 5.32 17.79 17.56
CA GLN A 34 6.41 18.60 17.00
C GLN A 34 6.95 17.99 15.72
N SER A 35 7.17 16.68 15.71
CA SER A 35 7.67 16.04 14.50
C SER A 35 6.74 16.29 13.32
N VAL A 36 5.45 16.03 13.51
CA VAL A 36 4.52 16.16 12.40
C VAL A 36 4.32 17.62 12.05
N ALA A 37 4.37 18.52 13.04
CA ALA A 37 4.13 19.93 12.75
C ALA A 37 5.09 20.46 11.71
N ALA A 38 6.39 20.22 11.89
CA ALA A 38 7.34 20.67 10.88
C ALA A 38 7.15 19.87 9.60
N SER A 39 6.85 18.58 9.71
CA SER A 39 6.61 17.77 8.53
C SER A 39 5.50 18.39 7.68
N TRP A 40 4.39 18.72 8.32
CA TRP A 40 3.29 19.37 7.61
C TRP A 40 3.73 20.71 7.02
N ALA A 41 4.53 21.46 7.76
CA ALA A 41 4.98 22.76 7.27
C ALA A 41 5.79 22.60 5.99
N HIS A 42 6.77 21.70 6.00
CA HIS A 42 7.57 21.50 4.80
C HIS A 42 6.75 20.87 3.69
N ASP A 43 5.95 19.87 4.02
CA ASP A 43 5.17 19.17 2.99
C ASP A 43 4.15 20.11 2.36
N THR A 44 3.59 21.02 3.15
CA THR A 44 2.68 22.04 2.63
C THR A 44 3.40 23.25 2.08
N ASN A 45 4.67 23.45 2.43
CA ASN A 45 5.47 24.60 2.02
C ASN A 45 6.88 24.09 1.74
N ILE A 46 7.06 23.53 0.54
CA ILE A 46 8.32 22.95 0.11
C ILE A 46 9.41 23.99 0.01
N THR A 47 10.38 23.91 0.91
CA THR A 47 11.56 24.76 0.87
C THR A 47 12.62 24.13 1.76
N ALA A 48 13.89 24.39 1.43
CA ALA A 48 14.97 23.84 2.22
C ALA A 48 14.91 24.35 3.65
N GLU A 49 14.39 25.55 3.86
CA GLU A 49 14.29 26.09 5.21
C GLU A 49 13.47 25.17 6.10
N ASN A 50 12.28 24.79 5.65
CA ASN A 50 11.47 23.88 6.46
C ASN A 50 12.07 22.48 6.49
N ALA A 51 12.74 22.06 5.42
CA ALA A 51 13.38 20.76 5.44
C ALA A 51 14.31 20.64 6.63
N ARG A 52 15.11 21.68 6.87
CA ARG A 52 15.99 21.67 8.04
C ARG A 52 15.19 21.46 9.31
N ARG A 53 14.03 22.10 9.43
CA ARG A 53 13.23 21.90 10.63
C ARG A 53 12.70 20.48 10.69
N GLN A 54 12.18 19.97 9.57
CA GLN A 54 11.67 18.60 9.54
C GLN A 54 12.73 17.64 10.04
N GLU A 55 13.95 17.77 9.52
CA GLU A 55 15.04 16.91 9.95
C GLU A 55 15.25 17.05 11.45
N GLU A 56 15.15 18.26 11.97
CA GLU A 56 15.41 18.48 13.39
C GLU A 56 14.31 17.85 14.24
N ALA A 57 13.05 18.03 13.86
CA ALA A 57 11.98 17.51 14.69
C ALA A 57 11.99 15.98 14.69
N ALA A 58 12.26 15.36 13.54
CA ALA A 58 12.33 13.91 13.49
C ALA A 58 13.49 13.38 14.32
N LEU A 59 14.63 14.08 14.28
CA LEU A 59 15.76 13.65 15.08
C LEU A 59 15.41 13.63 16.55
N LEU A 60 14.74 14.68 17.03
CA LEU A 60 14.34 14.71 18.44
C LEU A 60 13.47 13.51 18.78
N SER A 61 12.52 13.18 17.90
CA SER A 61 11.61 12.09 18.19
C SER A 61 12.36 10.80 18.49
N GLN A 62 13.40 10.48 17.72
CA GLN A 62 14.12 9.24 17.97
C GLN A 62 14.80 9.27 19.33
N GLU A 63 15.37 10.41 19.72
CA GLU A 63 16.00 10.46 21.02
C GLU A 63 14.97 10.21 22.11
N PHE A 64 13.75 10.70 21.89
CA PHE A 64 12.68 10.46 22.84
C PHE A 64 12.36 8.97 22.93
N ALA A 65 12.16 8.32 21.79
CA ALA A 65 11.89 6.88 21.82
C ALA A 65 13.03 6.13 22.50
N GLU A 66 14.27 6.55 22.24
CA GLU A 66 15.40 5.87 22.87
C GLU A 66 15.39 6.02 24.38
N ALA A 67 15.09 7.22 24.87
CA ALA A 67 15.05 7.42 26.31
C ALA A 67 14.01 6.50 26.94
N TRP A 68 12.77 6.58 26.48
CA TRP A 68 11.72 5.76 27.06
C TRP A 68 11.97 4.28 26.79
N GLY A 69 12.23 3.93 25.53
CA GLY A 69 12.54 2.55 25.23
C GLY A 69 13.66 2.02 26.11
N GLN A 70 14.73 2.82 26.27
CA GLN A 70 15.83 2.40 27.11
C GLN A 70 15.33 1.93 28.46
N LYS A 71 14.56 2.78 29.15
CA LYS A 71 14.08 2.39 30.47
C LYS A 71 13.16 1.19 30.38
N ALA A 72 12.21 1.23 29.44
CA ALA A 72 11.25 0.14 29.34
C ALA A 72 11.93 -1.20 29.12
N LYS A 73 12.83 -1.26 28.14
CA LYS A 73 13.46 -2.54 27.80
C LYS A 73 14.17 -3.12 29.01
N GLU A 74 14.91 -2.30 29.74
CA GLU A 74 15.61 -2.77 30.92
C GLU A 74 14.65 -3.15 32.05
N LEU A 75 13.58 -2.37 32.24
CA LEU A 75 12.72 -2.54 33.40
C LEU A 75 11.82 -3.79 33.32
N TYR A 76 10.95 -3.87 32.32
CA TYR A 76 9.88 -4.87 32.34
C TYR A 76 10.09 -6.11 31.48
N GLU A 77 10.95 -6.06 30.48
CA GLU A 77 11.03 -7.18 29.53
C GLU A 77 11.01 -8.56 30.18
N PRO A 78 11.58 -8.75 31.38
CA PRO A 78 11.50 -10.08 32.00
C PRO A 78 10.13 -10.46 32.51
N ILE A 79 9.23 -9.50 32.70
CA ILE A 79 7.92 -9.77 33.29
C ILE A 79 6.76 -9.38 32.37
N TRP A 80 6.98 -8.44 31.46
CA TRP A 80 5.89 -7.73 30.80
C TRP A 80 4.81 -8.63 30.24
N GLN A 81 5.17 -9.80 29.71
CA GLN A 81 4.14 -10.60 29.08
C GLN A 81 3.09 -11.08 30.07
N ASN A 82 3.42 -11.19 31.35
CA ASN A 82 2.43 -11.55 32.36
C ASN A 82 1.42 -10.46 32.74
N PHE A 83 1.61 -9.19 32.40
CA PHE A 83 0.61 -8.21 32.84
C PHE A 83 -0.78 -8.68 32.46
N THR A 84 -1.70 -8.59 33.42
CA THR A 84 -3.07 -9.04 33.26
C THR A 84 -3.75 -8.42 32.04
N ASP A 85 -3.94 -7.12 32.04
CA ASP A 85 -4.66 -6.46 30.97
C ASP A 85 -3.87 -6.51 29.66
N PRO A 86 -4.41 -7.10 28.60
CA PRO A 86 -3.69 -7.02 27.32
C PRO A 86 -3.46 -5.58 26.90
N GLN A 87 -4.35 -4.67 27.30
CA GLN A 87 -4.19 -3.26 26.98
C GLN A 87 -2.81 -2.76 27.40
N LEU A 88 -2.44 -3.02 28.65
CA LEU A 88 -1.12 -2.62 29.12
C LEU A 88 -0.02 -3.30 28.34
N ARG A 89 -0.15 -4.61 28.10
CA ARG A 89 0.88 -5.33 27.36
C ARG A 89 1.10 -4.73 25.99
N ARG A 90 0.02 -4.32 25.33
CA ARG A 90 0.16 -3.70 24.01
C ARG A 90 1.01 -2.44 24.07
N ILE A 91 0.70 -1.52 25.00
CA ILE A 91 1.49 -0.30 25.07
C ILE A 91 2.95 -0.61 25.31
N ILE A 92 3.23 -1.42 26.34
CA ILE A 92 4.62 -1.68 26.69
C ILE A 92 5.31 -2.40 25.55
N GLY A 93 4.62 -3.35 24.92
CA GLY A 93 5.22 -4.07 23.81
C GLY A 93 5.69 -3.13 22.72
N ALA A 94 4.90 -2.12 22.40
CA ALA A 94 5.29 -1.19 21.35
C ALA A 94 6.54 -0.39 21.76
N VAL A 95 6.53 0.17 22.97
CA VAL A 95 7.66 0.97 23.41
C VAL A 95 8.91 0.12 23.58
N ARG A 96 8.76 -1.07 24.17
CA ARG A 96 9.90 -1.96 24.38
C ARG A 96 10.61 -2.34 23.09
N THR A 97 10.01 -2.12 21.93
CA THR A 97 10.67 -2.39 20.66
C THR A 97 11.64 -1.27 20.35
N LEU A 98 12.94 -1.51 20.52
CA LEU A 98 13.93 -0.47 20.26
C LEU A 98 14.43 -0.48 18.83
N GLY A 99 14.52 -1.65 18.22
CA GLY A 99 15.03 -1.77 16.86
C GLY A 99 16.48 -1.35 16.71
N SER A 100 16.73 -0.62 15.62
CA SER A 100 18.09 -0.19 15.29
C SER A 100 18.80 0.47 16.46
N ALA A 101 18.08 1.27 17.25
CA ALA A 101 18.70 1.98 18.36
C ALA A 101 19.56 1.06 19.22
N ASN A 102 19.22 -0.23 19.29
CA ASN A 102 20.02 -1.14 20.09
C ASN A 102 21.48 -1.15 19.66
N LEU A 103 21.76 -0.94 18.37
CA LEU A 103 23.13 -1.03 17.88
C LEU A 103 24.05 -0.09 18.63
N PRO A 104 25.32 -0.46 18.83
CA PRO A 104 26.28 0.51 19.34
C PRO A 104 26.45 1.65 18.35
N LEU A 105 26.82 2.82 18.87
CA LEU A 105 26.80 4.02 18.04
C LEU A 105 27.63 3.87 16.77
N ALA A 106 28.76 3.17 16.83
CA ALA A 106 29.52 2.99 15.59
C ALA A 106 28.69 2.24 14.57
N LYS A 107 27.96 1.21 15.02
CA LYS A 107 27.09 0.49 14.11
C LYS A 107 25.87 1.32 13.75
N ARG A 108 25.38 2.10 14.71
CA ARG A 108 24.23 2.97 14.45
C ARG A 108 24.50 3.85 13.25
N GLN A 109 25.65 4.52 13.23
CA GLN A 109 26.01 5.35 12.09
C GLN A 109 26.08 4.49 10.85
N GLN A 110 26.77 3.36 10.94
CA GLN A 110 26.89 2.48 9.79
C GLN A 110 25.52 2.03 9.32
N TYR A 111 24.67 1.62 10.26
CA TYR A 111 23.33 1.18 9.87
C TYR A 111 22.50 2.34 9.38
N ASN A 112 22.56 3.49 10.07
CA ASN A 112 21.71 4.61 9.69
C ASN A 112 22.12 5.19 8.36
N ALA A 113 23.41 5.49 8.20
CA ALA A 113 23.87 6.04 6.92
C ALA A 113 23.62 5.04 5.80
N LEU A 114 23.84 3.76 6.08
CA LEU A 114 23.59 2.74 5.08
C LEU A 114 22.18 2.86 4.56
N LEU A 115 21.20 2.95 5.47
CA LEU A 115 19.82 3.09 5.03
C LEU A 115 19.66 4.35 4.20
N SER A 116 20.34 5.43 4.59
CA SER A 116 20.27 6.65 3.80
C SER A 116 20.82 6.44 2.39
N ASN A 117 21.95 5.73 2.27
CA ASN A 117 22.51 5.47 0.95
C ASN A 117 21.57 4.63 0.11
N MET A 118 20.97 3.60 0.67
CA MET A 118 20.06 2.81 -0.12
C MET A 118 18.96 3.69 -0.71
N SER A 119 18.43 4.61 0.09
CA SER A 119 17.38 5.49 -0.41
C SER A 119 17.91 6.43 -1.48
N ARG A 120 19.11 6.98 -1.30
CA ARG A 120 19.68 7.87 -2.31
C ARG A 120 19.82 7.15 -3.65
N ILE A 121 20.46 5.98 -3.63
CA ILE A 121 20.73 5.25 -4.87
C ILE A 121 19.43 5.03 -5.64
N TYR A 122 18.39 4.55 -4.95
CA TYR A 122 17.14 4.28 -5.64
C TYR A 122 16.57 5.53 -6.29
N SER A 123 16.44 6.62 -5.54
CA SER A 123 15.87 7.83 -6.14
C SER A 123 16.81 8.44 -7.16
N THR A 124 18.12 8.30 -6.96
CA THR A 124 19.10 8.87 -7.88
C THR A 124 19.21 8.08 -9.18
N ALA A 125 18.93 6.78 -9.14
CA ALA A 125 19.14 5.91 -10.30
C ALA A 125 18.70 6.58 -11.60
N LYS A 126 19.62 6.57 -12.57
CA LYS A 126 19.45 7.18 -13.87
C LYS A 126 19.67 6.14 -14.94
N VAL A 127 18.84 6.14 -15.98
CA VAL A 127 18.96 5.21 -17.10
C VAL A 127 19.29 6.02 -18.33
N CYS A 128 20.38 5.67 -19.00
CA CYS A 128 20.89 6.41 -20.15
C CYS A 128 21.09 5.48 -21.34
N LEU A 129 20.62 5.93 -22.50
CA LEU A 129 20.81 5.20 -23.73
C LEU A 129 22.31 4.99 -23.98
N PRO A 130 22.69 3.97 -24.80
CA PRO A 130 24.12 3.76 -25.11
C PRO A 130 24.64 4.76 -26.13
N ASN A 131 24.35 6.03 -25.88
CA ASN A 131 24.72 7.15 -26.73
C ASN A 131 24.99 8.28 -25.77
N LYS A 132 25.82 9.24 -26.15
CA LYS A 132 26.09 10.35 -25.25
C LYS A 132 24.92 11.34 -25.31
N THR A 133 23.77 10.83 -24.85
CA THR A 133 22.56 11.63 -24.83
C THR A 133 22.74 12.81 -23.88
N ALA A 134 22.17 13.95 -24.26
CA ALA A 134 22.31 15.15 -23.44
C ALA A 134 21.74 14.94 -22.03
N THR A 135 20.59 14.26 -21.93
CA THR A 135 19.96 14.04 -20.65
C THR A 135 19.31 12.66 -20.63
N CYS A 136 19.41 11.99 -19.48
CA CYS A 136 18.90 10.64 -19.31
C CYS A 136 17.44 10.69 -18.85
N TRP A 137 16.88 9.53 -18.51
CA TRP A 137 15.51 9.42 -18.02
C TRP A 137 15.54 8.98 -16.56
N SER A 138 14.78 9.68 -15.72
CA SER A 138 14.64 9.32 -14.33
C SER A 138 13.40 8.46 -14.13
N LEU A 139 13.27 7.88 -12.94
CA LEU A 139 12.18 6.92 -12.69
C LEU A 139 10.84 7.48 -13.13
N ASP A 140 10.56 8.74 -12.83
CA ASP A 140 9.39 9.40 -13.36
C ASP A 140 9.73 10.86 -13.61
N PRO A 141 9.07 11.50 -14.57
CA PRO A 141 8.02 10.97 -15.44
C PRO A 141 8.48 10.04 -16.57
N ASP A 142 9.68 10.28 -17.07
CA ASP A 142 10.10 9.65 -18.32
C ASP A 142 10.05 8.12 -18.29
N LEU A 143 10.71 7.50 -17.32
CA LEU A 143 10.74 6.04 -17.34
C LEU A 143 9.36 5.44 -17.12
N THR A 144 8.63 5.93 -16.10
CA THR A 144 7.28 5.40 -15.91
C THR A 144 6.39 5.74 -17.09
N ASN A 145 6.45 6.98 -17.57
CA ASN A 145 5.59 7.37 -18.68
C ASN A 145 5.93 6.60 -19.95
N ILE A 146 7.23 6.46 -20.25
CA ILE A 146 7.60 5.76 -21.47
C ILE A 146 7.21 4.30 -21.38
N LEU A 147 7.42 3.68 -20.21
CA LEU A 147 7.08 2.27 -20.06
C LEU A 147 5.58 2.06 -19.99
N ALA A 148 4.86 2.96 -19.32
CA ALA A 148 3.41 2.82 -19.23
C ALA A 148 2.72 3.14 -20.56
N SER A 149 3.31 4.00 -21.38
CA SER A 149 2.70 4.42 -22.63
C SER A 149 3.28 3.73 -23.85
N SER A 150 4.58 3.45 -23.85
CA SER A 150 5.18 2.83 -25.02
C SER A 150 4.72 1.40 -25.17
N ARG A 151 4.65 0.95 -26.41
CA ARG A 151 4.21 -0.41 -26.72
C ARG A 151 5.13 -1.07 -27.74
N SER A 152 6.34 -0.56 -27.91
CA SER A 152 7.32 -1.13 -28.82
C SER A 152 8.21 -2.05 -28.01
N TYR A 153 8.08 -3.35 -28.24
CA TYR A 153 8.73 -4.32 -27.37
C TYR A 153 10.22 -4.01 -27.23
N ALA A 154 10.90 -3.76 -28.33
CA ALA A 154 12.32 -3.48 -28.25
C ALA A 154 12.56 -2.28 -27.33
N MET A 155 11.79 -1.20 -27.54
CA MET A 155 11.98 -0.02 -26.71
C MET A 155 11.64 -0.33 -25.27
N LEU A 156 10.50 -0.97 -25.05
CA LEU A 156 10.04 -1.25 -23.70
C LEU A 156 11.07 -2.09 -22.94
N LEU A 157 11.68 -3.06 -23.58
CA LEU A 157 12.66 -3.88 -22.88
C LEU A 157 13.82 -3.05 -22.40
N PHE A 158 14.41 -2.27 -23.30
CA PHE A 158 15.61 -1.53 -22.92
C PHE A 158 15.36 -0.65 -21.70
N ALA A 159 14.20 -0.02 -21.64
CA ALA A 159 13.92 0.81 -20.47
C ALA A 159 13.82 -0.05 -19.23
N TRP A 160 13.20 -1.22 -19.34
CA TRP A 160 13.04 -2.06 -18.17
C TRP A 160 14.39 -2.55 -17.66
N GLU A 161 15.25 -3.02 -18.55
CA GLU A 161 16.55 -3.51 -18.09
C GLU A 161 17.39 -2.36 -17.55
N GLY A 162 17.41 -1.23 -18.24
CA GLY A 162 18.22 -0.12 -17.78
C GLY A 162 17.91 0.25 -16.35
N TRP A 163 16.63 0.32 -16.00
CA TRP A 163 16.25 0.63 -14.63
C TRP A 163 16.78 -0.41 -13.65
N HIS A 164 16.56 -1.69 -13.93
CA HIS A 164 17.06 -2.71 -13.02
C HIS A 164 18.57 -2.73 -12.96
N ASN A 165 19.25 -2.37 -14.06
CA ASN A 165 20.70 -2.34 -13.98
C ASN A 165 21.16 -1.22 -13.07
N ALA A 166 20.66 -0.01 -13.30
CA ALA A 166 21.10 1.14 -12.53
C ALA A 166 20.65 1.07 -11.08
N ALA A 167 19.39 0.75 -10.84
CA ALA A 167 18.89 0.67 -9.47
C ALA A 167 19.36 -0.59 -8.77
N GLY A 168 19.33 -1.73 -9.44
CA GLY A 168 19.63 -2.98 -8.77
C GLY A 168 21.09 -3.22 -8.46
N ILE A 169 21.94 -3.10 -9.48
CA ILE A 169 23.34 -3.46 -9.30
C ILE A 169 23.98 -2.76 -8.11
N PRO A 170 23.91 -1.44 -7.97
CA PRO A 170 24.60 -0.80 -6.85
C PRO A 170 24.02 -1.10 -5.48
N LEU A 171 22.78 -1.54 -5.35
CA LEU A 171 22.25 -1.86 -4.03
C LEU A 171 22.77 -3.18 -3.49
N LYS A 172 23.04 -4.15 -4.37
CA LYS A 172 23.39 -5.50 -3.93
C LYS A 172 24.46 -5.53 -2.85
N PRO A 173 25.58 -4.84 -2.97
CA PRO A 173 26.59 -4.95 -1.92
C PRO A 173 26.07 -4.39 -0.60
N LEU A 174 25.40 -3.25 -0.66
CA LEU A 174 24.89 -2.62 0.55
C LEU A 174 23.85 -3.50 1.24
N TYR A 175 22.90 -4.02 0.48
CA TYR A 175 21.80 -4.72 1.11
C TYR A 175 22.26 -5.86 2.00
N GLU A 176 23.40 -6.48 1.68
CA GLU A 176 23.84 -7.55 2.56
C GLU A 176 24.13 -6.99 3.95
N ASP A 177 24.87 -5.87 4.02
CA ASP A 177 25.20 -5.33 5.33
C ASP A 177 23.95 -4.91 6.10
N PHE A 178 22.94 -4.39 5.41
CA PHE A 178 21.71 -4.05 6.10
C PHE A 178 21.10 -5.29 6.70
N THR A 179 21.14 -6.40 5.96
CA THR A 179 20.64 -7.65 6.50
C THR A 179 21.38 -8.01 7.77
N ALA A 180 22.70 -7.87 7.75
CA ALA A 180 23.50 -8.25 8.91
C ALA A 180 23.18 -7.39 10.12
N LEU A 181 23.22 -6.07 9.97
CA LEU A 181 22.95 -5.21 11.11
C LEU A 181 21.49 -5.23 11.51
N SER A 182 20.58 -5.26 10.54
CA SER A 182 19.17 -5.23 10.88
C SER A 182 18.82 -6.42 11.76
N ASN A 183 19.21 -7.62 11.33
CA ASN A 183 18.93 -8.79 12.16
C ASN A 183 19.68 -8.68 13.48
N GLU A 184 20.90 -8.13 13.45
CA GLU A 184 21.64 -7.99 14.69
C GLU A 184 20.88 -7.12 15.68
N ALA A 185 20.30 -6.03 15.21
CA ALA A 185 19.55 -5.17 16.12
C ALA A 185 18.34 -5.89 16.68
N TYR A 186 17.52 -6.46 15.80
CA TYR A 186 16.32 -7.13 16.27
C TYR A 186 16.64 -8.31 17.18
N LYS A 187 17.80 -8.95 17.00
CA LYS A 187 18.15 -10.02 17.94
C LYS A 187 18.14 -9.50 19.37
N GLN A 188 18.65 -8.29 19.58
CA GLN A 188 18.62 -7.71 20.91
C GLN A 188 17.19 -7.38 21.33
N ASP A 189 16.31 -7.04 20.40
CA ASP A 189 14.91 -6.87 20.76
C ASP A 189 14.25 -8.20 21.09
N GLY A 190 14.67 -9.28 20.44
CA GLY A 190 14.11 -10.60 20.74
C GLY A 190 13.43 -11.31 19.60
N PHE A 191 13.58 -10.81 18.38
CA PHE A 191 13.05 -11.46 17.19
C PHE A 191 14.15 -12.26 16.52
N THR A 192 13.79 -13.43 15.98
CA THR A 192 14.80 -14.24 15.31
C THR A 192 15.46 -13.46 14.20
N ASP A 193 14.71 -12.61 13.51
CA ASP A 193 15.24 -11.82 12.43
C ASP A 193 14.23 -10.75 12.06
N THR A 194 14.66 -9.82 11.21
CA THR A 194 13.78 -8.76 10.76
C THR A 194 12.44 -9.32 10.32
N GLY A 195 12.47 -10.47 9.64
CA GLY A 195 11.21 -11.05 9.21
C GLY A 195 10.30 -11.35 10.37
N ALA A 196 10.84 -11.96 11.42
CA ALA A 196 10.02 -12.25 12.59
C ALA A 196 9.43 -10.99 13.18
N TYR A 197 10.16 -9.88 13.11
CA TYR A 197 9.60 -8.63 13.61
C TYR A 197 8.44 -8.17 12.75
N TRP A 198 8.60 -8.17 11.42
CA TRP A 198 7.51 -7.68 10.59
C TRP A 198 6.26 -8.56 10.73
N ARG A 199 6.45 -9.87 10.80
CA ARG A 199 5.30 -10.74 10.99
C ARG A 199 4.66 -10.53 12.35
N SER A 200 5.44 -10.11 13.34
CA SER A 200 4.91 -9.92 14.69
C SER A 200 3.73 -8.96 14.74
N TRP A 201 3.64 -8.02 13.80
CA TRP A 201 2.54 -7.05 13.89
C TRP A 201 1.16 -7.66 13.81
N TYR A 202 0.99 -8.79 13.11
CA TYR A 202 -0.34 -9.31 12.91
C TYR A 202 -0.83 -10.25 13.99
N ASN A 203 -0.02 -10.57 14.99
CA ASN A 203 -0.47 -11.43 16.08
C ASN A 203 -1.23 -12.66 15.57
N SER A 204 -0.60 -13.37 14.64
CA SER A 204 -1.14 -14.62 14.11
C SER A 204 -0.07 -15.69 14.20
N PRO A 205 -0.20 -16.67 15.10
CA PRO A 205 0.86 -17.68 15.21
C PRO A 205 1.14 -18.43 13.93
N THR A 206 0.16 -18.54 13.04
CA THR A 206 0.33 -19.20 11.76
C THR A 206 0.30 -18.21 10.60
N PHE A 207 0.68 -16.95 10.86
CA PHE A 207 0.42 -15.91 9.88
C PHE A 207 0.85 -16.29 8.47
N GLU A 208 2.12 -16.65 8.29
CA GLU A 208 2.53 -16.96 6.93
C GLU A 208 1.74 -18.12 6.36
N ASP A 209 1.38 -19.09 7.19
CA ASP A 209 0.57 -20.18 6.69
C ASP A 209 -0.79 -19.67 6.25
N ASP A 210 -1.38 -18.74 7.01
CA ASP A 210 -2.69 -18.21 6.63
C ASP A 210 -2.66 -17.59 5.24
N LEU A 211 -1.64 -16.79 4.96
CA LEU A 211 -1.61 -16.11 3.67
C LEU A 211 -1.58 -17.09 2.51
N GLU A 212 -0.79 -18.16 2.62
CA GLU A 212 -0.76 -19.09 1.51
C GLU A 212 -2.14 -19.65 1.23
N HIS A 213 -2.88 -20.02 2.28
CA HIS A 213 -4.21 -20.55 2.03
C HIS A 213 -5.12 -19.47 1.45
N LEU A 214 -5.00 -18.23 1.91
CA LEU A 214 -5.78 -17.17 1.27
C LEU A 214 -5.42 -17.09 -0.20
N TYR A 215 -4.13 -16.99 -0.49
CA TYR A 215 -3.71 -16.79 -1.86
C TYR A 215 -4.13 -17.95 -2.75
N GLN A 216 -4.11 -19.18 -2.23
CA GLN A 216 -4.59 -20.29 -3.04
C GLN A 216 -6.08 -20.16 -3.32
N GLN A 217 -6.85 -19.57 -2.42
CA GLN A 217 -8.27 -19.39 -2.72
C GLN A 217 -8.48 -18.29 -3.76
N LEU A 218 -7.60 -17.29 -3.82
CA LEU A 218 -7.71 -16.28 -4.87
C LEU A 218 -7.10 -16.72 -6.18
N GLU A 219 -6.18 -17.68 -6.17
CA GLU A 219 -5.50 -18.05 -7.40
C GLU A 219 -6.48 -18.35 -8.53
N PRO A 220 -7.61 -19.03 -8.32
CA PRO A 220 -8.52 -19.24 -9.46
C PRO A 220 -8.93 -17.95 -10.13
N LEU A 221 -9.14 -16.89 -9.35
CA LEU A 221 -9.44 -15.61 -9.96
C LEU A 221 -8.23 -15.03 -10.66
N TYR A 222 -7.06 -15.12 -10.04
CA TYR A 222 -5.87 -14.56 -10.65
C TYR A 222 -5.50 -15.26 -11.94
N LEU A 223 -5.49 -16.60 -11.95
CA LEU A 223 -5.12 -17.32 -13.16
C LEU A 223 -6.06 -17.00 -14.30
N ASN A 224 -7.36 -16.93 -14.03
CA ASN A 224 -8.27 -16.57 -15.10
C ASN A 224 -7.92 -15.19 -15.63
N LEU A 225 -7.67 -14.23 -14.73
CA LEU A 225 -7.33 -12.90 -15.18
C LEU A 225 -5.99 -12.91 -15.91
N HIS A 226 -5.02 -13.65 -15.37
CA HIS A 226 -3.73 -13.74 -16.03
C HIS A 226 -3.87 -14.33 -17.42
N ALA A 227 -4.67 -15.38 -17.56
CA ALA A 227 -4.82 -16.00 -18.87
C ALA A 227 -5.39 -15.02 -19.89
N PHE A 228 -6.34 -14.20 -19.46
CA PHE A 228 -6.94 -13.26 -20.39
C PHE A 228 -5.94 -12.21 -20.84
N VAL A 229 -5.17 -11.64 -19.92
CA VAL A 229 -4.17 -10.65 -20.33
C VAL A 229 -3.13 -11.30 -21.22
N ARG A 230 -2.73 -12.52 -20.91
CA ARG A 230 -1.75 -13.18 -21.76
C ARG A 230 -2.26 -13.27 -23.17
N ARG A 231 -3.52 -13.67 -23.34
CA ARG A 231 -4.07 -13.76 -24.68
C ARG A 231 -4.05 -12.40 -25.37
N ALA A 232 -4.52 -11.36 -24.68
CA ALA A 232 -4.54 -10.05 -25.30
C ALA A 232 -3.15 -9.62 -25.71
N LEU A 233 -2.16 -9.80 -24.84
CA LEU A 233 -0.81 -9.41 -25.22
C LEU A 233 -0.37 -10.18 -26.45
N HIS A 234 -0.78 -11.44 -26.57
CA HIS A 234 -0.40 -12.21 -27.73
C HIS A 234 -0.95 -11.58 -29.00
N ARG A 235 -2.20 -11.10 -28.95
CA ARG A 235 -2.78 -10.47 -30.12
C ARG A 235 -1.93 -9.29 -30.56
N ARG A 236 -1.37 -8.57 -29.60
CA ARG A 236 -0.59 -7.38 -29.90
C ARG A 236 0.86 -7.69 -30.27
N TYR A 237 1.54 -8.56 -29.52
CA TYR A 237 2.97 -8.75 -29.73
C TYR A 237 3.36 -9.97 -30.56
N GLY A 238 2.55 -11.02 -30.61
CA GLY A 238 2.93 -12.14 -31.46
C GLY A 238 3.58 -13.28 -30.71
N ASP A 239 3.45 -14.48 -31.28
CA ASP A 239 3.87 -15.69 -30.58
C ASP A 239 5.35 -15.69 -30.24
N ARG A 240 6.17 -14.97 -31.00
CA ARG A 240 7.59 -14.93 -30.68
C ARG A 240 7.82 -14.49 -29.25
N TYR A 241 6.96 -13.64 -28.70
CA TYR A 241 7.17 -13.05 -27.39
C TYR A 241 6.18 -13.47 -26.32
N ILE A 242 5.08 -14.11 -26.65
CA ILE A 242 4.11 -14.54 -25.64
C ILE A 242 3.76 -16.00 -25.90
N ASN A 243 4.29 -16.90 -25.08
CA ASN A 243 3.99 -18.31 -25.20
C ASN A 243 2.70 -18.58 -24.46
N LEU A 244 1.64 -18.93 -25.18
CA LEU A 244 0.33 -19.05 -24.56
C LEU A 244 0.37 -19.88 -23.29
N ARG A 245 1.25 -20.87 -23.21
CA ARG A 245 1.29 -21.72 -22.03
C ARG A 245 2.24 -21.23 -20.95
N GLY A 246 3.20 -20.37 -21.28
CA GLY A 246 4.21 -19.97 -20.33
C GLY A 246 3.97 -18.65 -19.63
N PRO A 247 5.00 -18.19 -18.93
CA PRO A 247 4.93 -16.92 -18.22
C PRO A 247 4.98 -15.73 -19.15
N ILE A 248 4.47 -14.60 -18.63
CA ILE A 248 4.42 -13.34 -19.37
C ILE A 248 5.71 -12.56 -19.15
N PRO A 249 6.32 -11.99 -20.18
CA PRO A 249 7.48 -11.13 -19.97
C PRO A 249 7.16 -9.98 -19.04
N ALA A 250 8.04 -9.76 -18.06
CA ALA A 250 7.73 -8.81 -16.99
C ALA A 250 7.58 -7.38 -17.50
N HIS A 251 8.26 -7.01 -18.57
CA HIS A 251 8.27 -5.62 -18.99
C HIS A 251 7.09 -5.27 -19.88
N LEU A 252 6.35 -6.26 -20.35
CA LEU A 252 5.20 -6.04 -21.21
C LEU A 252 3.91 -5.84 -20.45
N LEU A 253 3.90 -5.95 -19.13
CA LEU A 253 2.65 -5.87 -18.39
C LEU A 253 2.21 -4.45 -18.07
N GLY A 254 2.82 -3.44 -18.66
CA GLY A 254 2.29 -2.11 -18.49
C GLY A 254 2.90 -1.29 -17.38
N ASP A 255 3.81 -1.84 -16.58
CA ASP A 255 4.44 -0.99 -15.58
C ASP A 255 5.79 -1.58 -15.20
N MET A 256 6.69 -0.69 -14.79
CA MET A 256 8.08 -1.05 -14.52
C MET A 256 8.23 -2.28 -13.63
N TRP A 257 7.33 -2.49 -12.69
CA TRP A 257 7.42 -3.62 -11.78
C TRP A 257 6.37 -4.68 -12.03
N ALA A 258 5.56 -4.54 -13.06
CA ALA A 258 4.46 -5.45 -13.29
C ALA A 258 3.56 -5.56 -12.07
N GLN A 259 3.54 -4.55 -11.21
CA GLN A 259 2.74 -4.63 -10.00
C GLN A 259 1.31 -4.21 -10.25
N SER A 260 1.06 -3.52 -11.36
CA SER A 260 -0.26 -3.04 -11.70
C SER A 260 -0.42 -3.15 -13.20
N TRP A 261 -1.53 -3.73 -13.63
CA TRP A 261 -1.78 -3.94 -15.05
C TRP A 261 -2.71 -2.86 -15.59
N GLU A 262 -2.82 -1.76 -14.87
CA GLU A 262 -3.82 -0.74 -15.17
C GLU A 262 -3.63 -0.15 -16.57
N ASN A 263 -2.39 0.03 -17.01
CA ASN A 263 -2.16 0.68 -18.29
C ASN A 263 -2.53 -0.16 -19.51
N ILE A 264 -2.84 -1.45 -19.37
CA ILE A 264 -3.16 -2.25 -20.55
C ILE A 264 -4.67 -2.40 -20.75
N TYR A 265 -5.46 -1.69 -19.95
CA TYR A 265 -6.91 -1.78 -20.08
C TYR A 265 -7.36 -1.43 -21.50
N ASP A 266 -6.69 -0.47 -22.13
CA ASP A 266 -7.07 -0.07 -23.48
C ASP A 266 -7.03 -1.22 -24.46
N MET A 267 -6.20 -2.22 -24.22
CA MET A 267 -6.11 -3.37 -25.13
C MET A 267 -7.13 -4.45 -24.82
N VAL A 268 -7.54 -4.58 -23.57
CA VAL A 268 -8.32 -5.72 -23.12
C VAL A 268 -9.78 -5.39 -22.88
N VAL A 269 -10.14 -4.11 -22.85
CA VAL A 269 -11.46 -3.66 -22.42
C VAL A 269 -12.60 -4.50 -23.01
N PRO A 270 -13.38 -5.19 -22.19
CA PRO A 270 -14.57 -5.86 -22.72
C PRO A 270 -15.53 -4.82 -23.27
N PHE A 271 -16.45 -5.29 -24.10
CA PHE A 271 -17.47 -4.41 -24.68
C PHE A 271 -16.89 -3.02 -24.94
N PRO A 272 -15.86 -2.94 -25.75
CA PRO A 272 -15.18 -1.65 -25.97
C PRO A 272 -16.06 -0.46 -26.30
N ASP A 273 -17.29 -0.68 -26.76
CA ASP A 273 -18.10 0.45 -27.20
C ASP A 273 -18.77 1.24 -26.08
N LYS A 274 -19.12 0.61 -24.98
CA LYS A 274 -19.77 1.37 -23.90
C LYS A 274 -18.77 2.32 -23.27
N PRO A 275 -19.03 3.63 -23.26
CA PRO A 275 -18.09 4.55 -22.62
C PRO A 275 -18.20 4.52 -21.11
N ASN A 276 -17.05 4.71 -20.47
CA ASN A 276 -17.01 4.78 -19.01
C ASN A 276 -17.66 6.08 -18.56
N LEU A 277 -18.69 5.98 -17.73
CA LEU A 277 -19.40 7.17 -17.29
C LEU A 277 -18.47 8.03 -16.44
N ASP A 278 -18.09 9.18 -16.98
CA ASP A 278 -17.25 10.16 -16.30
C ASP A 278 -18.13 11.34 -15.95
N VAL A 279 -18.22 11.67 -14.65
CA VAL A 279 -19.14 12.73 -14.24
C VAL A 279 -18.47 14.09 -14.27
N THR A 280 -17.20 14.15 -14.66
CA THR A 280 -16.50 15.43 -14.67
C THR A 280 -17.27 16.47 -15.46
N SER A 281 -17.71 16.12 -16.68
CA SER A 281 -18.35 17.11 -17.52
C SER A 281 -19.60 17.67 -16.86
N THR A 282 -20.39 16.82 -16.19
CA THR A 282 -21.54 17.36 -15.49
C THR A 282 -21.09 18.11 -14.23
N MET A 283 -20.09 17.56 -13.53
CA MET A 283 -19.62 18.20 -12.31
C MET A 283 -19.23 19.65 -12.56
N LEU A 284 -18.54 19.92 -13.67
CA LEU A 284 -18.13 21.28 -13.97
C LEU A 284 -19.33 22.21 -14.15
N GLN A 285 -20.29 21.80 -14.96
CA GLN A 285 -21.46 22.65 -15.18
C GLN A 285 -22.23 22.89 -13.91
N GLN A 286 -22.12 22.00 -12.93
CA GLN A 286 -22.81 22.17 -11.67
C GLN A 286 -22.20 23.25 -10.80
N GLY A 287 -21.10 23.87 -11.23
CA GLY A 287 -20.47 24.92 -10.48
C GLY A 287 -19.68 24.43 -9.30
N TRP A 288 -19.55 23.12 -9.12
CA TRP A 288 -18.77 22.57 -8.02
C TRP A 288 -17.32 23.01 -8.10
N ASN A 289 -16.71 23.13 -6.92
CA ASN A 289 -15.31 23.47 -6.79
C ASN A 289 -14.73 22.63 -5.67
N ALA A 290 -13.39 22.60 -5.61
CA ALA A 290 -12.71 21.72 -4.68
C ALA A 290 -13.27 21.86 -3.27
N THR A 291 -13.42 23.09 -2.78
CA THR A 291 -13.88 23.27 -1.42
C THR A 291 -15.22 22.60 -1.19
N HIS A 292 -16.17 22.74 -2.11
CA HIS A 292 -17.43 22.06 -1.88
C HIS A 292 -17.27 20.55 -1.95
N MET A 293 -16.35 20.04 -2.77
CA MET A 293 -16.19 18.60 -2.88
C MET A 293 -16.02 17.95 -1.52
N PHE A 294 -15.23 18.58 -0.65
CA PHE A 294 -15.04 18.01 0.68
C PHE A 294 -16.30 18.06 1.52
N ARG A 295 -17.05 19.16 1.46
CA ARG A 295 -18.30 19.13 2.23
C ARG A 295 -19.25 18.08 1.67
N VAL A 296 -19.19 17.79 0.38
CA VAL A 296 -20.01 16.71 -0.15
C VAL A 296 -19.61 15.40 0.50
N ALA A 297 -18.31 15.15 0.58
CA ALA A 297 -17.84 13.93 1.22
C ALA A 297 -18.26 13.88 2.68
N GLU A 298 -18.17 14.99 3.39
CA GLU A 298 -18.60 14.96 4.78
C GLU A 298 -20.06 14.53 4.87
N GLU A 299 -20.89 14.97 3.92
CA GLU A 299 -22.31 14.63 3.99
C GLU A 299 -22.49 13.13 3.99
N PHE A 300 -21.67 12.42 3.23
CA PHE A 300 -21.75 10.97 3.20
C PHE A 300 -21.49 10.39 4.59
N PHE A 301 -20.43 10.83 5.25
CA PHE A 301 -20.16 10.35 6.59
C PHE A 301 -21.26 10.76 7.55
N THR A 302 -21.81 11.96 7.41
CA THR A 302 -22.91 12.32 8.30
C THR A 302 -24.07 11.38 8.09
N SER A 303 -24.26 10.91 6.85
CA SER A 303 -25.32 9.95 6.59
C SER A 303 -25.03 8.65 7.31
N LEU A 304 -23.75 8.37 7.56
CA LEU A 304 -23.33 7.21 8.34
C LEU A 304 -23.28 7.53 9.83
N GLU A 305 -23.79 8.69 10.24
CA GLU A 305 -23.82 9.09 11.64
C GLU A 305 -22.47 8.93 12.32
N LEU A 306 -21.40 9.08 11.56
CA LEU A 306 -20.07 9.14 12.12
C LEU A 306 -19.79 10.59 12.52
N SER A 307 -18.64 10.84 13.09
CA SER A 307 -18.36 12.19 13.56
C SER A 307 -18.15 13.14 12.37
N PRO A 308 -18.88 14.25 12.29
CA PRO A 308 -18.59 15.23 11.25
C PRO A 308 -17.24 15.89 11.51
N MET A 309 -16.65 16.42 10.45
CA MET A 309 -15.32 16.98 10.58
C MET A 309 -15.31 18.09 11.62
N PRO A 310 -14.26 18.20 12.42
CA PRO A 310 -14.14 19.35 13.31
C PRO A 310 -13.84 20.60 12.52
N PRO A 311 -14.28 21.77 12.99
CA PRO A 311 -13.95 23.00 12.25
C PRO A 311 -12.47 23.13 12.01
N GLU A 312 -11.65 22.56 12.89
CA GLU A 312 -10.21 22.57 12.71
C GLU A 312 -9.82 22.06 11.34
N PHE A 313 -10.57 21.10 10.81
CA PHE A 313 -10.24 20.55 9.51
C PHE A 313 -10.35 21.58 8.40
N TRP A 314 -11.49 22.27 8.33
CA TRP A 314 -11.65 23.26 7.26
C TRP A 314 -10.57 24.31 7.35
N GLU A 315 -10.18 24.65 8.57
CA GLU A 315 -9.15 25.67 8.76
C GLU A 315 -7.79 25.14 8.32
N GLY A 316 -7.42 23.96 8.79
CA GLY A 316 -6.09 23.42 8.54
C GLY A 316 -5.84 22.88 7.15
N SER A 317 -6.76 22.05 6.67
CA SER A 317 -6.53 21.28 5.45
C SER A 317 -6.09 22.18 4.30
N MET A 318 -5.17 21.65 3.49
CA MET A 318 -4.66 22.34 2.30
C MET A 318 -5.41 21.76 1.10
N LEU A 319 -6.64 22.23 0.95
CA LEU A 319 -7.56 21.66 -0.04
C LEU A 319 -7.11 21.87 -1.49
N GLU A 320 -6.35 22.91 -1.79
CA GLU A 320 -6.05 23.22 -3.19
C GLU A 320 -4.58 23.53 -3.41
N LYS A 321 -4.25 23.64 -4.70
CA LYS A 321 -2.96 24.13 -5.15
C LYS A 321 -2.98 25.58 -4.67
N PRO A 322 -2.23 25.94 -3.64
CA PRO A 322 -2.42 27.27 -3.05
C PRO A 322 -2.17 28.39 -4.06
N ALA A 323 -3.01 29.42 -3.99
CA ALA A 323 -2.85 30.58 -4.86
C ALA A 323 -1.54 31.31 -4.61
N ASP A 324 -0.95 31.15 -3.42
CA ASP A 324 0.36 31.71 -3.14
C ASP A 324 1.44 31.14 -4.05
N GLY A 325 1.17 30.04 -4.74
CA GLY A 325 2.13 29.45 -5.65
C GLY A 325 3.35 28.84 -5.01
N ARG A 326 3.53 28.98 -3.70
CA ARG A 326 4.59 28.24 -3.04
C ARG A 326 4.45 26.76 -3.35
N GLU A 327 5.59 26.07 -3.38
CA GLU A 327 5.60 24.66 -3.72
C GLU A 327 4.96 23.82 -2.62
N VAL A 328 4.39 22.70 -3.02
CA VAL A 328 3.66 21.82 -2.13
C VAL A 328 3.79 20.39 -2.64
N VAL A 329 3.60 19.43 -1.73
CA VAL A 329 3.59 18.01 -2.13
C VAL A 329 2.15 17.71 -2.54
N CYS A 330 1.83 18.12 -3.77
CA CYS A 330 0.47 18.02 -4.29
C CYS A 330 -0.12 16.62 -4.21
N HIS A 331 0.69 15.56 -4.20
CA HIS A 331 0.13 14.22 -4.03
C HIS A 331 -0.70 14.12 -2.76
N ALA A 332 -1.99 13.83 -2.93
CA ALA A 332 -2.93 13.81 -1.82
C ALA A 332 -2.52 12.84 -0.71
N SER A 333 -2.63 13.30 0.52
CA SER A 333 -2.33 12.54 1.73
C SER A 333 -3.24 13.04 2.84
N ALA A 334 -3.49 12.19 3.82
CA ALA A 334 -4.30 12.52 4.98
C ALA A 334 -3.44 12.48 6.24
N TRP A 335 -3.48 13.55 7.04
CA TRP A 335 -2.60 13.69 8.17
C TRP A 335 -3.41 13.76 9.46
N ASP A 336 -2.87 13.14 10.50
CA ASP A 336 -3.41 13.19 11.84
C ASP A 336 -2.31 13.67 12.77
N PHE A 337 -2.43 14.88 13.28
CA PHE A 337 -1.49 15.34 14.27
C PHE A 337 -1.93 14.73 15.58
N TYR A 338 -1.01 14.07 16.29
CA TYR A 338 -1.44 13.40 17.49
C TYR A 338 -2.04 14.36 18.50
N ASN A 339 -1.94 15.66 18.26
CA ASN A 339 -2.72 16.60 19.03
C ASN A 339 -4.19 16.22 18.87
N ARG A 340 -4.81 15.77 19.95
CA ARG A 340 -6.21 15.40 19.88
C ARG A 340 -7.05 16.46 19.17
N LYS A 341 -6.67 17.73 19.28
CA LYS A 341 -7.45 18.84 18.74
C LYS A 341 -7.33 19.11 17.25
N ASP A 342 -6.56 18.37 16.45
CA ASP A 342 -6.68 18.65 15.02
C ASP A 342 -6.20 17.49 14.16
N PHE A 343 -6.68 17.50 12.93
CA PHE A 343 -6.39 16.49 11.92
C PHE A 343 -6.58 17.21 10.60
N ARG A 344 -5.75 16.89 9.60
CA ARG A 344 -5.81 17.67 8.37
C ARG A 344 -5.63 16.78 7.17
N ILE A 345 -6.24 17.21 6.06
CA ILE A 345 -6.09 16.58 4.77
C ILE A 345 -5.35 17.52 3.85
N LYS A 346 -4.43 16.96 3.07
CA LYS A 346 -3.66 17.68 2.07
C LYS A 346 -3.96 16.99 0.74
N GLN A 347 -4.81 17.62 -0.07
CA GLN A 347 -5.26 17.08 -1.34
C GLN A 347 -4.74 17.81 -2.56
N CYS A 348 -4.58 19.13 -2.51
CA CYS A 348 -4.23 19.86 -3.72
C CYS A 348 -5.25 19.53 -4.81
N THR A 349 -6.52 19.50 -4.37
CA THR A 349 -7.66 19.03 -5.15
C THR A 349 -7.86 19.78 -6.46
N ARG A 350 -8.20 19.01 -7.49
CA ARG A 350 -8.55 19.52 -8.81
C ARG A 350 -9.79 18.76 -9.23
N VAL A 351 -10.70 19.42 -9.94
CA VAL A 351 -12.05 18.88 -10.15
C VAL A 351 -12.01 17.81 -11.25
N THR A 352 -11.93 16.55 -10.83
CA THR A 352 -12.15 15.42 -11.71
C THR A 352 -12.90 14.37 -10.91
N MET A 353 -13.64 13.51 -11.61
CA MET A 353 -14.38 12.47 -10.91
C MET A 353 -13.44 11.62 -10.06
N ASP A 354 -12.26 11.32 -10.60
CA ASP A 354 -11.28 10.56 -9.82
C ASP A 354 -10.99 11.22 -8.49
N GLN A 355 -10.80 12.53 -8.47
CA GLN A 355 -10.53 13.17 -7.20
C GLN A 355 -11.74 13.12 -6.28
N LEU A 356 -12.95 13.22 -6.82
CA LEU A 356 -14.11 13.03 -5.95
C LEU A 356 -13.98 11.71 -5.21
N SER A 357 -13.70 10.64 -5.95
CA SER A 357 -13.52 9.34 -5.31
C SER A 357 -12.33 9.38 -4.35
N THR A 358 -11.22 9.97 -4.78
CA THR A 358 -10.05 10.08 -3.92
C THR A 358 -10.35 10.86 -2.64
N VAL A 359 -11.09 11.97 -2.74
CA VAL A 359 -11.36 12.74 -1.54
C VAL A 359 -12.16 11.91 -0.55
N HIS A 360 -13.10 11.09 -1.04
CA HIS A 360 -13.82 10.23 -0.12
C HIS A 360 -12.87 9.29 0.60
N HIS A 361 -11.93 8.69 -0.13
CA HIS A 361 -10.93 7.84 0.48
C HIS A 361 -10.21 8.56 1.61
N GLU A 362 -9.59 9.69 1.29
CA GLU A 362 -8.84 10.44 2.30
C GLU A 362 -9.72 10.80 3.48
N MET A 363 -10.95 11.26 3.22
CA MET A 363 -11.79 11.60 4.35
C MET A 363 -12.05 10.38 5.22
N GLY A 364 -12.02 9.17 4.64
CA GLY A 364 -12.19 7.99 5.47
C GLY A 364 -11.10 7.87 6.52
N HIS A 365 -9.84 8.10 6.14
CA HIS A 365 -8.77 8.08 7.12
C HIS A 365 -9.04 9.06 8.24
N ILE A 366 -9.39 10.29 7.90
CA ILE A 366 -9.69 11.27 8.94
C ILE A 366 -10.75 10.70 9.86
N GLN A 367 -11.80 10.13 9.26
CA GLN A 367 -12.84 9.52 10.08
C GLN A 367 -12.25 8.44 10.97
N TYR A 368 -11.30 7.67 10.44
CA TYR A 368 -10.70 6.62 11.25
C TYR A 368 -9.97 7.20 12.45
N TYR A 369 -9.14 8.22 12.24
CA TYR A 369 -8.42 8.79 13.36
C TYR A 369 -9.38 9.29 14.43
N LEU A 370 -10.40 10.03 14.01
CA LEU A 370 -11.33 10.61 14.96
C LEU A 370 -11.97 9.57 15.86
N GLN A 371 -12.30 8.40 15.31
CA GLN A 371 -12.99 7.40 16.12
C GLN A 371 -12.12 6.80 17.21
N TYR A 372 -10.82 6.66 17.00
CA TYR A 372 -9.96 6.12 18.05
C TYR A 372 -9.12 7.19 18.73
N LYS A 373 -9.40 8.47 18.47
CA LYS A 373 -8.63 9.53 19.09
C LYS A 373 -8.59 9.44 20.61
N ASP A 374 -9.54 8.76 21.24
CA ASP A 374 -9.53 8.66 22.70
C ASP A 374 -8.49 7.70 23.24
N LEU A 375 -8.03 6.74 22.47
CA LEU A 375 -7.14 5.72 23.00
C LEU A 375 -5.79 6.32 23.34
N PRO A 376 -4.96 5.58 24.07
CA PRO A 376 -3.58 6.03 24.31
C PRO A 376 -2.77 5.97 23.02
N VAL A 377 -1.81 6.89 22.93
CA VAL A 377 -1.11 7.13 21.67
C VAL A 377 -0.52 5.85 21.09
N SER A 378 -0.02 4.96 21.94
CA SER A 378 0.55 3.74 21.41
C SER A 378 -0.47 2.89 20.66
N LEU A 379 -1.75 3.10 20.91
CA LEU A 379 -2.81 2.31 20.30
C LEU A 379 -3.55 3.05 19.19
N ARG A 380 -3.18 4.29 18.88
CA ARG A 380 -3.93 5.06 17.90
C ARG A 380 -3.38 4.79 16.49
N ARG A 381 -3.60 3.55 16.08
CA ARG A 381 -3.12 3.03 14.81
C ARG A 381 -4.05 1.90 14.42
N GLY A 382 -3.90 1.41 13.20
CA GLY A 382 -4.83 0.41 12.72
C GLY A 382 -4.82 -0.83 13.59
N ALA A 383 -5.94 -1.57 13.54
CA ALA A 383 -6.03 -2.80 14.30
C ALA A 383 -4.83 -3.68 13.98
N ASN A 384 -4.45 -3.71 12.72
CA ASN A 384 -3.22 -4.28 12.23
C ASN A 384 -2.73 -3.32 11.16
N PRO A 385 -1.44 -3.30 10.87
CA PRO A 385 -0.92 -2.25 10.00
C PRO A 385 -1.60 -2.17 8.64
N GLY A 386 -2.23 -3.22 8.15
CA GLY A 386 -2.92 -3.13 6.88
C GLY A 386 -4.36 -2.67 7.05
N PHE A 387 -4.84 -2.77 8.29
CA PHE A 387 -6.23 -2.45 8.59
C PHE A 387 -6.56 -1.01 8.23
N HIS A 388 -5.61 -0.11 8.42
CA HIS A 388 -5.82 1.32 8.17
C HIS A 388 -6.29 1.60 6.75
N GLU A 389 -5.56 1.10 5.76
CA GLU A 389 -5.95 1.30 4.37
C GLU A 389 -7.30 0.69 4.04
N ALA A 390 -7.64 -0.45 4.63
CA ALA A 390 -8.88 -1.10 4.24
C ALA A 390 -10.08 -0.20 4.50
N ILE A 391 -10.16 0.40 5.68
CA ILE A 391 -11.29 1.28 5.97
C ILE A 391 -11.38 2.39 4.95
N GLY A 392 -10.27 3.06 4.69
CA GLY A 392 -10.27 4.11 3.67
C GLY A 392 -10.80 3.65 2.32
N ASP A 393 -10.41 2.44 1.90
CA ASP A 393 -10.88 1.91 0.63
C ASP A 393 -12.38 1.60 0.60
N VAL A 394 -12.93 0.91 1.60
CA VAL A 394 -14.33 0.53 1.48
C VAL A 394 -15.19 1.75 1.30
N LEU A 395 -14.85 2.84 1.95
CA LEU A 395 -15.62 4.05 1.74
C LEU A 395 -15.53 4.45 0.28
N ALA A 396 -14.32 4.38 -0.29
CA ALA A 396 -14.11 4.74 -1.68
C ALA A 396 -14.86 3.83 -2.65
N LEU A 397 -15.04 2.56 -2.30
CA LEU A 397 -15.79 1.67 -3.20
C LEU A 397 -17.24 2.10 -3.33
N SER A 398 -17.90 2.32 -2.21
CA SER A 398 -19.32 2.66 -2.26
C SER A 398 -19.59 3.87 -3.14
N VAL A 399 -18.81 4.94 -3.00
CA VAL A 399 -19.09 6.18 -3.72
C VAL A 399 -18.88 6.06 -5.23
N SER A 400 -17.96 5.21 -5.68
CA SER A 400 -17.73 5.10 -7.11
C SER A 400 -18.96 4.61 -7.89
N THR A 401 -19.93 4.03 -7.20
CA THR A 401 -21.04 3.39 -7.89
C THR A 401 -21.98 4.42 -8.51
N PRO A 402 -22.46 4.19 -9.73
CA PRO A 402 -23.41 5.13 -10.31
C PRO A 402 -24.69 5.24 -9.50
N GLU A 403 -25.07 4.19 -8.78
CA GLU A 403 -26.23 4.28 -7.90
C GLU A 403 -26.04 5.39 -6.89
N HIS A 404 -24.85 5.46 -6.30
CA HIS A 404 -24.55 6.51 -5.33
C HIS A 404 -24.50 7.86 -6.01
N LEU A 405 -23.82 7.94 -7.16
CA LEU A 405 -23.70 9.21 -7.86
C LEU A 405 -25.06 9.81 -8.19
N HIS A 406 -26.02 8.98 -8.58
CA HIS A 406 -27.36 9.51 -8.82
C HIS A 406 -27.95 10.11 -7.54
N LYS A 407 -27.73 9.45 -6.40
CA LYS A 407 -28.26 10.01 -5.17
C LYS A 407 -27.68 11.38 -4.88
N ILE A 408 -26.40 11.60 -5.19
CA ILE A 408 -25.82 12.91 -4.95
C ILE A 408 -26.40 13.94 -5.91
N GLY A 409 -26.84 13.52 -7.08
CA GLY A 409 -27.48 14.38 -8.06
C GLY A 409 -26.67 14.57 -9.33
N LEU A 410 -25.48 14.04 -9.40
CA LEU A 410 -24.63 14.17 -10.56
C LEU A 410 -25.06 13.31 -11.70
N LEU A 411 -26.19 12.61 -11.66
CA LEU A 411 -26.56 11.71 -12.75
C LEU A 411 -28.07 11.64 -12.85
N ASP A 412 -28.57 11.76 -14.08
CA ASP A 412 -30.01 11.74 -14.31
C ASP A 412 -30.62 10.33 -14.24
N ARG A 413 -29.94 9.32 -14.79
CA ARG A 413 -30.45 7.96 -14.74
C ARG A 413 -29.36 6.95 -14.44
N VAL A 414 -29.70 5.96 -13.62
CA VAL A 414 -28.77 4.88 -13.23
C VAL A 414 -28.99 3.71 -14.18
N THR A 415 -28.39 3.80 -15.36
CA THR A 415 -28.54 2.76 -16.37
C THR A 415 -27.90 1.47 -15.88
N ASN A 416 -28.73 0.46 -15.63
CA ASN A 416 -28.28 -0.84 -15.13
C ASN A 416 -27.84 -1.73 -16.30
N ASP A 417 -26.72 -1.35 -16.91
CA ASP A 417 -26.13 -2.08 -18.04
C ASP A 417 -24.95 -2.93 -17.58
N THR A 418 -25.05 -4.25 -17.78
CA THR A 418 -23.96 -5.13 -17.37
C THR A 418 -22.68 -4.87 -18.15
N GLU A 419 -22.79 -4.42 -19.41
CA GLU A 419 -21.59 -4.12 -20.17
C GLU A 419 -20.82 -2.96 -19.56
N SER A 420 -21.53 -1.98 -19.00
CA SER A 420 -20.86 -0.83 -18.42
C SER A 420 -20.08 -1.24 -17.18
N ASP A 421 -20.73 -1.96 -16.26
CA ASP A 421 -20.08 -2.32 -15.02
C ASP A 421 -19.00 -3.37 -15.23
N ILE A 422 -19.19 -4.31 -16.15
CA ILE A 422 -18.10 -5.24 -16.41
C ILE A 422 -16.89 -4.46 -16.90
N ASN A 423 -17.12 -3.49 -17.78
CA ASN A 423 -16.02 -2.66 -18.25
C ASN A 423 -15.33 -2.03 -17.06
N TYR A 424 -16.13 -1.49 -16.13
CA TYR A 424 -15.54 -0.89 -14.94
C TYR A 424 -14.82 -1.93 -14.10
N LEU A 425 -15.53 -3.02 -13.75
CA LEU A 425 -14.95 -3.98 -12.83
C LEU A 425 -13.64 -4.54 -13.37
N LEU A 426 -13.54 -4.74 -14.67
CA LEU A 426 -12.28 -5.26 -15.19
C LEU A 426 -11.16 -4.25 -14.96
N LYS A 427 -11.44 -2.97 -15.12
CA LYS A 427 -10.37 -2.01 -14.84
C LYS A 427 -9.93 -2.14 -13.40
N MET A 428 -10.88 -2.29 -12.48
CA MET A 428 -10.47 -2.52 -11.11
C MET A 428 -9.70 -3.81 -10.98
N ALA A 429 -10.13 -4.86 -11.70
CA ALA A 429 -9.43 -6.12 -11.61
C ALA A 429 -7.99 -5.98 -12.08
N LEU A 430 -7.78 -5.24 -13.16
CA LEU A 430 -6.43 -4.99 -13.61
C LEU A 430 -5.68 -4.09 -12.63
N GLU A 431 -6.39 -3.18 -11.98
CA GLU A 431 -5.73 -2.22 -11.11
C GLU A 431 -5.24 -2.86 -9.83
N LYS A 432 -6.10 -3.59 -9.14
CA LYS A 432 -5.77 -4.19 -7.85
C LYS A 432 -5.60 -5.70 -7.82
N ILE A 433 -6.39 -6.52 -8.53
CA ILE A 433 -6.19 -7.95 -8.33
C ILE A 433 -4.83 -8.38 -8.84
N ALA A 434 -4.41 -7.83 -9.98
CA ALA A 434 -3.07 -8.16 -10.46
C ALA A 434 -2.01 -7.85 -9.42
N PHE A 435 -2.30 -6.93 -8.50
CA PHE A 435 -1.31 -6.56 -7.48
C PHE A 435 -1.12 -7.63 -6.41
N LEU A 436 -2.16 -8.40 -6.08
CA LEU A 436 -2.07 -9.28 -4.92
C LEU A 436 -0.85 -10.19 -4.92
N PRO A 437 -0.63 -11.00 -5.95
CA PRO A 437 0.55 -11.86 -5.90
C PRO A 437 1.83 -11.07 -5.75
N PHE A 438 1.93 -9.91 -6.37
CA PHE A 438 3.15 -9.13 -6.24
C PHE A 438 3.32 -8.65 -4.80
N GLY A 439 2.26 -8.06 -4.23
CA GLY A 439 2.36 -7.61 -2.86
C GLY A 439 2.70 -8.75 -1.92
N TYR A 440 2.24 -9.95 -2.25
CA TYR A 440 2.54 -11.08 -1.40
C TYR A 440 3.96 -11.58 -1.57
N LEU A 441 4.46 -11.62 -2.82
CA LEU A 441 5.75 -12.25 -3.02
C LEU A 441 6.90 -11.37 -2.55
N VAL A 442 6.78 -10.04 -2.58
CA VAL A 442 7.88 -9.22 -2.11
C VAL A 442 8.16 -9.50 -0.63
N ASP A 443 7.12 -9.49 0.21
CA ASP A 443 7.40 -9.81 1.60
C ASP A 443 7.58 -11.30 1.79
N GLN A 444 7.11 -12.12 0.86
CA GLN A 444 7.44 -13.53 0.90
C GLN A 444 8.94 -13.70 0.72
N TRP A 445 9.50 -12.97 -0.22
CA TRP A 445 10.94 -12.99 -0.47
C TRP A 445 11.72 -12.43 0.72
N ARG A 446 11.32 -11.27 1.23
CA ARG A 446 12.13 -10.63 2.26
C ARG A 446 12.23 -11.47 3.52
N TRP A 447 11.15 -12.12 3.94
CA TRP A 447 11.29 -12.97 5.10
C TRP A 447 12.32 -14.03 4.83
N GLY A 448 12.39 -14.50 3.58
CA GLY A 448 13.39 -15.48 3.24
C GLY A 448 14.79 -14.93 3.41
N VAL A 449 15.00 -13.69 2.99
CA VAL A 449 16.34 -13.10 3.10
C VAL A 449 16.74 -12.97 4.55
N PHE A 450 15.88 -12.34 5.35
CA PHE A 450 16.20 -12.16 6.75
C PHE A 450 16.31 -13.49 7.47
N SER A 451 15.54 -14.50 7.03
CA SER A 451 15.57 -15.79 7.68
C SER A 451 16.75 -16.64 7.27
N GLY A 452 17.42 -16.30 6.19
CA GLY A 452 18.49 -17.13 5.69
C GLY A 452 18.06 -18.29 4.82
N ARG A 453 16.77 -18.50 4.63
CA ARG A 453 16.36 -19.51 3.66
C ARG A 453 16.90 -19.17 2.27
N THR A 454 17.12 -17.88 2.02
CA THR A 454 17.78 -17.37 0.81
C THR A 454 19.13 -16.79 1.25
N PRO A 455 20.19 -17.57 1.27
CA PRO A 455 21.52 -16.99 1.50
C PRO A 455 21.93 -16.05 0.39
N PRO A 456 22.97 -15.24 0.62
CA PRO A 456 23.30 -14.15 -0.32
C PRO A 456 23.52 -14.55 -1.77
N SER A 457 24.12 -15.70 -2.01
CA SER A 457 24.36 -16.14 -3.38
C SER A 457 23.06 -16.40 -4.15
N ARG A 458 21.91 -16.19 -3.50
CA ARG A 458 20.63 -16.48 -4.12
C ARG A 458 19.70 -15.26 -4.22
N TYR A 459 20.16 -14.05 -3.93
CA TYR A 459 19.24 -12.91 -3.96
C TYR A 459 18.43 -12.86 -5.23
N ASN A 460 19.04 -13.14 -6.36
CA ASN A 460 18.29 -13.07 -7.60
C ASN A 460 17.69 -14.41 -8.02
N PHE A 461 18.34 -15.53 -7.73
CA PHE A 461 17.72 -16.81 -8.04
C PHE A 461 16.36 -16.96 -7.38
N ASP A 462 16.27 -16.65 -6.09
CA ASP A 462 14.99 -16.82 -5.42
C ASP A 462 13.98 -15.77 -5.82
N TRP A 463 14.42 -14.53 -6.07
CA TRP A 463 13.47 -13.51 -6.44
C TRP A 463 12.74 -13.88 -7.73
N TRP A 464 13.47 -14.26 -8.76
CA TRP A 464 12.79 -14.65 -9.99
C TRP A 464 12.06 -15.98 -9.81
N TYR A 465 12.60 -16.89 -9.00
CA TYR A 465 11.85 -18.11 -8.71
C TYR A 465 10.51 -17.77 -8.08
N LEU A 466 10.52 -16.95 -7.04
CA LEU A 466 9.27 -16.60 -6.39
C LEU A 466 8.39 -15.77 -7.32
N ARG A 467 8.98 -14.78 -7.97
CA ARG A 467 8.18 -13.91 -8.81
C ARG A 467 7.52 -14.71 -9.92
N THR A 468 8.21 -15.70 -10.47
CA THR A 468 7.56 -16.54 -11.48
C THR A 468 6.52 -17.46 -10.84
N LYS A 469 6.87 -18.12 -9.74
CA LYS A 469 5.93 -19.08 -9.16
C LYS A 469 4.59 -18.44 -8.83
N TYR A 470 4.59 -17.25 -8.25
CA TYR A 470 3.32 -16.66 -7.82
C TYR A 470 2.69 -15.78 -8.88
N GLN A 471 3.43 -14.81 -9.40
CA GLN A 471 2.81 -13.85 -10.30
C GLN A 471 2.70 -14.31 -11.74
N GLY A 472 3.46 -15.32 -12.15
CA GLY A 472 3.40 -15.76 -13.52
C GLY A 472 4.20 -14.88 -14.45
N ILE A 473 5.36 -14.42 -13.99
CA ILE A 473 6.23 -13.56 -14.76
C ILE A 473 7.63 -14.16 -14.78
N CYS A 474 8.34 -13.93 -15.88
CA CYS A 474 9.76 -14.24 -16.00
C CYS A 474 10.44 -13.01 -16.55
N PRO A 475 11.76 -12.92 -16.41
CA PRO A 475 12.44 -11.70 -16.77
C PRO A 475 12.46 -11.49 -18.26
N PRO A 476 12.64 -10.25 -18.73
CA PRO A 476 12.75 -10.00 -20.16
C PRO A 476 14.09 -10.43 -20.73
N VAL A 477 15.05 -10.70 -19.87
CA VAL A 477 16.39 -11.10 -20.26
C VAL A 477 16.85 -12.10 -19.22
N THR A 478 17.66 -13.06 -19.63
CA THR A 478 18.18 -13.96 -18.62
C THR A 478 18.98 -13.12 -17.65
N ARG A 479 18.69 -13.26 -16.37
CA ARG A 479 19.39 -12.50 -15.34
C ARG A 479 20.00 -13.47 -14.34
N ASN A 480 21.21 -13.15 -13.89
CA ASN A 480 21.99 -14.01 -13.03
C ASN A 480 22.49 -13.28 -11.78
N GLU A 481 23.22 -14.06 -10.98
CA GLU A 481 23.65 -13.71 -9.62
C GLU A 481 24.42 -12.40 -9.50
N THR A 482 24.81 -11.75 -10.59
CA THR A 482 25.43 -10.44 -10.42
C THR A 482 24.39 -9.39 -10.09
N HIS A 483 23.16 -9.61 -10.52
CA HIS A 483 22.07 -8.66 -10.37
C HIS A 483 21.42 -8.76 -8.99
N PHE A 484 20.51 -7.84 -8.75
CA PHE A 484 19.76 -7.79 -7.50
C PHE A 484 18.41 -7.14 -7.76
N ASP A 485 17.63 -7.71 -8.69
CA ASP A 485 16.37 -7.09 -9.08
C ASP A 485 15.47 -6.74 -7.91
N ALA A 486 15.71 -7.32 -6.73
CA ALA A 486 14.93 -6.88 -5.59
C ALA A 486 15.11 -5.38 -5.38
N GLY A 487 16.32 -4.88 -5.63
CA GLY A 487 16.58 -3.47 -5.44
C GLY A 487 15.81 -2.56 -6.37
N ALA A 488 15.16 -3.09 -7.39
CA ALA A 488 14.45 -2.25 -8.34
C ALA A 488 13.10 -1.78 -7.86
N LYS A 489 12.57 -2.29 -6.75
CA LYS A 489 11.28 -1.82 -6.27
C LYS A 489 11.47 -0.88 -5.09
N PHE A 490 10.79 0.26 -5.14
CA PHE A 490 10.91 1.29 -4.12
C PHE A 490 10.89 0.75 -2.70
N HIS A 491 9.98 -0.16 -2.40
CA HIS A 491 9.84 -0.66 -1.04
C HIS A 491 11.03 -1.45 -0.55
N VAL A 492 11.88 -1.96 -1.44
CA VAL A 492 13.01 -2.78 -1.01
C VAL A 492 14.11 -1.92 -0.41
N PRO A 493 14.80 -1.07 -1.15
CA PRO A 493 15.87 -0.28 -0.52
C PRO A 493 15.36 0.72 0.49
N ASN A 494 14.08 1.07 0.46
CA ASN A 494 13.51 1.92 1.51
C ASN A 494 12.96 1.10 2.67
N VAL A 495 13.10 -0.21 2.61
CA VAL A 495 12.74 -1.10 3.70
C VAL A 495 11.37 -0.78 4.29
N THR A 496 10.34 -0.84 3.46
CA THR A 496 8.97 -0.67 3.89
C THR A 496 8.19 -1.91 3.48
N PRO A 497 7.46 -2.56 4.38
CA PRO A 497 6.81 -3.82 4.03
C PRO A 497 5.73 -3.63 2.98
N TYR A 498 5.48 -4.70 2.23
CA TYR A 498 4.39 -4.74 1.27
C TYR A 498 3.19 -5.52 1.75
N ILE A 499 3.38 -6.47 2.66
CA ILE A 499 2.30 -7.35 3.04
C ILE A 499 1.10 -6.58 3.53
N ARG A 500 1.32 -5.41 4.14
CA ARG A 500 0.19 -4.63 4.62
C ARG A 500 -0.84 -4.40 3.54
N TYR A 501 -0.39 -4.13 2.32
CA TYR A 501 -1.33 -3.84 1.25
C TYR A 501 -2.10 -5.09 0.82
N PHE A 502 -1.43 -6.23 0.73
CA PHE A 502 -2.16 -7.44 0.35
C PHE A 502 -3.22 -7.76 1.38
N VAL A 503 -2.87 -7.77 2.67
CA VAL A 503 -3.90 -8.06 3.67
C VAL A 503 -4.97 -6.99 3.62
N SER A 504 -4.58 -5.74 3.39
CA SER A 504 -5.58 -4.68 3.37
C SER A 504 -6.61 -4.92 2.28
N PHE A 505 -6.17 -5.38 1.11
CA PHE A 505 -7.10 -5.58 0.01
C PHE A 505 -8.14 -6.65 0.31
N VAL A 506 -7.76 -7.73 0.97
CA VAL A 506 -8.76 -8.70 1.35
C VAL A 506 -9.72 -8.10 2.38
N LEU A 507 -9.18 -7.34 3.33
CA LEU A 507 -10.05 -6.73 4.34
C LEU A 507 -10.97 -5.69 3.73
N GLN A 508 -10.55 -5.04 2.66
CA GLN A 508 -11.41 -4.04 2.02
C GLN A 508 -12.74 -4.65 1.61
N PHE A 509 -12.69 -5.73 0.85
CA PHE A 509 -13.95 -6.34 0.41
C PHE A 509 -14.63 -7.07 1.55
N GLN A 510 -13.85 -7.62 2.48
CA GLN A 510 -14.47 -8.32 3.59
C GLN A 510 -15.31 -7.37 4.41
N PHE A 511 -14.82 -6.14 4.65
CA PHE A 511 -15.65 -5.17 5.35
C PHE A 511 -16.83 -4.79 4.47
N HIS A 512 -16.57 -4.56 3.18
CA HIS A 512 -17.62 -4.11 2.30
C HIS A 512 -18.78 -5.09 2.30
N GLU A 513 -18.47 -6.38 2.20
CA GLU A 513 -19.54 -7.36 2.20
C GLU A 513 -20.32 -7.30 3.50
N ALA A 514 -19.63 -7.05 4.61
CA ALA A 514 -20.30 -7.01 5.90
C ALA A 514 -21.29 -5.85 5.97
N LEU A 515 -20.88 -4.66 5.56
CA LEU A 515 -21.79 -3.52 5.63
C LEU A 515 -23.01 -3.74 4.74
N CYS A 516 -22.80 -4.24 3.52
CA CYS A 516 -23.93 -4.50 2.65
C CYS A 516 -24.89 -5.46 3.32
N LYS A 517 -24.36 -6.54 3.91
CA LYS A 517 -25.23 -7.45 4.64
C LYS A 517 -25.92 -6.75 5.79
N GLU A 518 -25.25 -5.78 6.41
CA GLU A 518 -25.90 -5.06 7.50
C GLU A 518 -26.97 -4.13 6.93
N ALA A 519 -26.72 -3.54 5.77
CA ALA A 519 -27.62 -2.59 5.13
C ALA A 519 -28.84 -3.23 4.50
N GLY A 520 -29.17 -4.50 4.73
CA GLY A 520 -30.35 -5.12 4.13
C GLY A 520 -30.29 -5.24 2.62
N TYR A 521 -29.20 -4.79 2.02
CA TYR A 521 -29.05 -4.81 0.58
C TYR A 521 -29.06 -6.25 0.05
N GLU A 522 -29.32 -6.37 -1.26
CA GLU A 522 -29.42 -7.68 -1.92
C GLU A 522 -28.81 -7.59 -3.32
N GLY A 523 -28.69 -8.75 -3.95
CA GLY A 523 -28.24 -8.83 -5.32
C GLY A 523 -26.78 -8.47 -5.55
N PRO A 524 -26.48 -7.82 -6.66
CA PRO A 524 -25.07 -7.58 -7.02
C PRO A 524 -24.35 -6.76 -5.97
N LEU A 525 -23.24 -7.29 -5.48
CA LEU A 525 -22.49 -6.60 -4.45
C LEU A 525 -21.86 -5.31 -4.97
N HIS A 526 -21.38 -5.32 -6.22
CA HIS A 526 -20.77 -4.11 -6.77
C HIS A 526 -21.77 -3.01 -7.06
N GLN A 527 -23.05 -3.26 -6.84
CA GLN A 527 -24.10 -2.25 -6.94
C GLN A 527 -24.54 -1.78 -5.56
N CYS A 528 -23.90 -2.31 -4.52
CA CYS A 528 -24.19 -1.94 -3.14
C CYS A 528 -23.63 -0.57 -2.76
N ASP A 529 -24.38 0.14 -1.94
CA ASP A 529 -23.90 1.36 -1.31
C ASP A 529 -24.33 1.35 0.15
N ILE A 530 -23.50 1.94 1.01
CA ILE A 530 -23.83 2.01 2.42
C ILE A 530 -24.45 3.35 2.79
N TYR A 531 -24.55 4.26 1.83
CA TYR A 531 -25.07 5.59 2.09
C TYR A 531 -26.40 5.51 2.81
N ARG A 532 -26.62 6.43 3.74
CA ARG A 532 -27.86 6.55 4.48
C ARG A 532 -28.21 5.33 5.33
N SER A 533 -27.33 4.33 5.40
CA SER A 533 -27.61 3.16 6.24
C SER A 533 -26.97 3.40 7.59
N THR A 534 -27.73 3.99 8.51
CA THR A 534 -27.18 4.26 9.82
C THR A 534 -26.90 2.98 10.59
N LYS A 535 -27.70 1.93 10.38
CA LYS A 535 -27.44 0.69 11.10
C LYS A 535 -26.12 0.08 10.67
N ALA A 536 -25.77 0.21 9.39
CA ALA A 536 -24.45 -0.22 8.97
C ALA A 536 -23.38 0.70 9.52
N GLY A 537 -23.65 2.00 9.57
CA GLY A 537 -22.68 2.93 10.11
C GLY A 537 -22.27 2.55 11.52
N ALA A 538 -23.22 2.17 12.35
CA ALA A 538 -22.88 1.76 13.71
C ALA A 538 -21.95 0.56 13.72
N LYS A 539 -22.16 -0.38 12.79
CA LYS A 539 -21.26 -1.54 12.74
C LYS A 539 -19.86 -1.10 12.34
N LEU A 540 -19.74 -0.28 11.30
CA LEU A 540 -18.43 0.23 10.91
C LEU A 540 -17.80 0.99 12.07
N ARG A 541 -18.58 1.87 12.71
CA ARG A 541 -18.05 2.66 13.81
C ARG A 541 -17.41 1.77 14.87
N LYS A 542 -18.04 0.65 15.20
CA LYS A 542 -17.46 -0.25 16.20
C LYS A 542 -16.04 -0.66 15.81
N VAL A 543 -15.85 -1.07 14.56
CA VAL A 543 -14.53 -1.54 14.15
C VAL A 543 -13.51 -0.42 14.25
N LEU A 544 -13.90 0.80 13.89
CA LEU A 544 -12.96 1.90 14.03
C LEU A 544 -12.69 2.19 15.50
N GLN A 545 -13.74 2.21 16.31
CA GLN A 545 -13.62 2.64 17.69
C GLN A 545 -12.55 1.85 18.45
N ALA A 546 -12.40 0.57 18.15
CA ALA A 546 -11.45 -0.22 18.91
C ALA A 546 -10.00 0.15 18.60
N GLY A 547 -9.74 0.76 17.46
CA GLY A 547 -8.36 1.07 17.13
C GLY A 547 -7.48 -0.14 17.23
N SER A 548 -6.35 0.00 17.93
CA SER A 548 -5.42 -1.09 18.16
C SER A 548 -5.52 -1.72 19.53
N SER A 549 -6.58 -1.44 20.28
CA SER A 549 -6.69 -2.00 21.61
C SER A 549 -6.87 -3.51 21.55
N ARG A 550 -7.86 -3.95 20.80
CA ARG A 550 -8.23 -5.35 20.69
C ARG A 550 -7.45 -6.00 19.56
N PRO A 551 -6.99 -7.25 19.72
CA PRO A 551 -6.25 -7.90 18.63
C PRO A 551 -7.07 -7.90 17.36
N TRP A 552 -6.42 -7.52 16.26
CA TRP A 552 -7.15 -7.27 15.02
C TRP A 552 -8.11 -8.40 14.69
N GLN A 553 -7.68 -9.64 14.86
CA GLN A 553 -8.56 -10.74 14.50
C GLN A 553 -9.81 -10.76 15.37
N GLU A 554 -9.67 -10.46 16.65
CA GLU A 554 -10.84 -10.50 17.51
C GLU A 554 -11.88 -9.48 17.06
N VAL A 555 -11.44 -8.29 16.68
CA VAL A 555 -12.38 -7.28 16.20
C VAL A 555 -13.03 -7.74 14.91
N LEU A 556 -12.22 -8.26 14.00
CA LEU A 556 -12.77 -8.67 12.71
C LEU A 556 -13.90 -9.69 12.89
N LYS A 557 -13.71 -10.62 13.83
CA LYS A 557 -14.74 -11.62 14.09
C LYS A 557 -16.06 -10.97 14.50
N ASP A 558 -15.99 -9.89 15.28
CA ASP A 558 -17.22 -9.22 15.68
C ASP A 558 -17.87 -8.50 14.50
N MET A 559 -17.06 -7.95 13.59
CA MET A 559 -17.62 -7.22 12.48
C MET A 559 -18.24 -8.14 11.44
N VAL A 560 -17.39 -8.90 10.76
CA VAL A 560 -17.86 -9.76 9.69
C VAL A 560 -18.36 -11.09 10.23
N GLY A 561 -17.82 -11.57 11.34
CA GLY A 561 -18.17 -12.85 11.88
C GLY A 561 -17.09 -13.91 11.80
N LEU A 562 -15.96 -13.63 11.17
CA LEU A 562 -14.90 -14.62 11.02
C LEU A 562 -13.61 -14.15 11.70
N ASP A 563 -13.03 -15.05 12.49
CA ASP A 563 -11.79 -14.82 13.22
C ASP A 563 -10.58 -14.60 12.34
N ALA A 564 -10.73 -14.56 11.02
CA ALA A 564 -9.55 -14.42 10.19
C ALA A 564 -9.94 -13.97 8.80
N LEU A 565 -8.92 -13.59 8.04
CA LEU A 565 -9.10 -13.21 6.66
C LEU A 565 -9.68 -14.37 5.87
N ASP A 566 -10.45 -14.04 4.84
CA ASP A 566 -10.96 -15.05 3.93
C ASP A 566 -11.22 -14.41 2.58
N ALA A 567 -11.09 -15.21 1.53
CA ALA A 567 -11.28 -14.71 0.19
C ALA A 567 -12.73 -14.65 -0.24
N GLN A 568 -13.63 -15.41 0.39
CA GLN A 568 -14.98 -15.54 -0.13
C GLN A 568 -15.68 -14.21 -0.40
N PRO A 569 -15.62 -13.23 0.49
CA PRO A 569 -16.25 -11.94 0.16
C PRO A 569 -15.62 -11.27 -1.05
N LEU A 570 -14.29 -11.32 -1.17
CA LEU A 570 -13.68 -10.71 -2.34
C LEU A 570 -14.16 -11.35 -3.63
N LEU A 571 -14.21 -12.68 -3.66
CA LEU A 571 -14.68 -13.34 -4.87
C LEU A 571 -16.10 -12.90 -5.24
N LYS A 572 -17.00 -12.82 -4.27
CA LYS A 572 -18.37 -12.47 -4.62
C LYS A 572 -18.42 -11.09 -5.26
N TYR A 573 -17.59 -10.17 -4.80
CA TYR A 573 -17.62 -8.86 -5.43
C TYR A 573 -17.28 -8.97 -6.91
N PHE A 574 -16.32 -9.81 -7.25
CA PHE A 574 -15.91 -10.00 -8.63
C PHE A 574 -16.64 -11.14 -9.32
N GLN A 575 -17.70 -11.69 -8.74
CA GLN A 575 -18.38 -12.82 -9.36
C GLN A 575 -18.63 -12.58 -10.84
N LEU A 576 -19.10 -11.40 -11.21
CA LEU A 576 -19.43 -11.17 -12.61
C LEU A 576 -18.21 -11.26 -13.50
N VAL A 577 -17.11 -10.62 -13.10
CA VAL A 577 -15.94 -10.69 -13.98
C VAL A 577 -15.39 -12.09 -13.98
N THR A 578 -15.51 -12.80 -12.85
CA THR A 578 -15.06 -14.19 -12.81
C THR A 578 -15.84 -15.02 -13.81
N GLN A 579 -17.16 -14.89 -13.80
CA GLN A 579 -17.97 -15.66 -14.73
C GLN A 579 -17.66 -15.30 -16.16
N TRP A 580 -17.58 -14.01 -16.45
CA TRP A 580 -17.36 -13.59 -17.84
C TRP A 580 -16.00 -14.04 -18.36
N LEU A 581 -14.93 -13.81 -17.58
CA LEU A 581 -13.61 -14.19 -18.07
C LEU A 581 -13.53 -15.68 -18.39
N GLN A 582 -14.08 -16.52 -17.52
CA GLN A 582 -13.97 -17.95 -17.77
C GLN A 582 -14.56 -18.32 -19.12
N GLU A 583 -15.69 -17.72 -19.48
CA GLU A 583 -16.22 -18.02 -20.81
C GLU A 583 -15.25 -17.54 -21.89
N GLN A 584 -14.71 -16.33 -21.74
CA GLN A 584 -13.74 -15.85 -22.72
C GLN A 584 -12.52 -16.78 -22.78
N ASN A 585 -12.07 -17.24 -21.62
CA ASN A 585 -10.95 -18.17 -21.59
C ASN A 585 -11.35 -19.55 -22.12
N GLN A 586 -12.53 -20.03 -21.74
CA GLN A 586 -12.95 -21.34 -22.19
C GLN A 586 -13.00 -21.42 -23.70
N GLN A 587 -13.52 -20.39 -24.36
CA GLN A 587 -13.61 -20.42 -25.81
C GLN A 587 -12.23 -20.46 -26.46
N ASN A 588 -11.25 -19.75 -25.89
CA ASN A 588 -9.93 -19.70 -26.51
C ASN A 588 -9.05 -20.86 -26.12
N GLY A 589 -9.51 -21.74 -25.23
CA GLY A 589 -8.70 -22.89 -24.83
C GLY A 589 -7.45 -22.53 -24.06
N GLU A 590 -7.50 -21.47 -23.27
CA GLU A 590 -6.33 -21.06 -22.51
C GLU A 590 -5.96 -22.10 -21.48
N VAL A 591 -4.66 -22.25 -21.26
CA VAL A 591 -4.14 -23.14 -20.24
C VAL A 591 -4.08 -22.31 -18.95
N LEU A 592 -5.01 -22.55 -18.05
CA LEU A 592 -4.99 -21.85 -16.78
C LEU A 592 -3.70 -22.18 -16.05
N GLY A 593 -3.04 -21.14 -15.57
CA GLY A 593 -1.74 -21.29 -14.94
C GLY A 593 -0.63 -21.11 -15.95
N TRP A 594 0.53 -21.72 -15.70
CA TRP A 594 1.67 -21.59 -16.62
C TRP A 594 2.60 -22.78 -16.49
N PRO A 595 2.27 -23.89 -17.14
CA PRO A 595 3.23 -24.98 -17.22
C PRO A 595 4.37 -24.54 -18.14
N GLU A 596 5.40 -25.36 -18.23
CA GLU A 596 6.56 -25.04 -19.08
C GLU A 596 7.15 -23.69 -18.68
N TYR A 597 7.11 -23.40 -17.38
CA TYR A 597 7.60 -22.13 -16.87
C TYR A 597 8.96 -21.76 -17.42
N GLN A 598 9.81 -22.74 -17.69
CA GLN A 598 11.17 -22.46 -18.15
C GLN A 598 11.17 -22.14 -19.65
N TRP A 599 10.48 -21.06 -19.98
CA TRP A 599 10.39 -20.53 -21.33
C TRP A 599 10.44 -19.01 -21.23
N HIS A 600 11.15 -18.35 -22.14
CA HIS A 600 11.14 -16.90 -22.15
C HIS A 600 11.59 -16.42 -23.52
N PRO A 601 11.36 -15.14 -23.85
CA PRO A 601 11.47 -14.67 -25.23
C PRO A 601 12.89 -14.59 -25.76
N PRO A 602 13.04 -14.55 -27.08
CA PRO A 602 14.33 -14.19 -27.66
C PRO A 602 14.55 -12.70 -27.52
N LEU A 603 15.80 -12.27 -27.64
CA LEU A 603 16.08 -10.85 -27.65
C LEU A 603 15.63 -10.20 -28.96
N PRO A 604 15.33 -8.90 -28.93
CA PRO A 604 14.99 -8.20 -30.18
C PRO A 604 16.13 -8.27 -31.19
N ASP A 605 15.75 -8.26 -32.46
CA ASP A 605 16.68 -8.61 -33.53
C ASP A 605 17.94 -7.75 -33.52
N ASN A 606 17.82 -6.47 -33.20
CA ASN A 606 18.98 -5.59 -33.17
C ASN A 606 19.16 -4.92 -31.81
N TYR A 607 18.83 -5.63 -30.75
CA TYR A 607 18.90 -5.01 -29.44
C TYR A 607 20.36 -4.89 -29.01
N PRO A 608 20.80 -3.73 -28.52
CA PRO A 608 20.00 -2.54 -28.31
C PRO A 608 20.00 -1.53 -29.45
N GLU A 609 20.48 -1.87 -30.65
CA GLU A 609 20.46 -0.87 -31.71
C GLU A 609 19.04 -0.51 -32.14
N GLY A 610 18.09 -1.43 -32.03
CA GLY A 610 16.77 -1.23 -32.60
C GLY A 610 15.72 -0.67 -31.66
N ILE A 611 16.16 -0.13 -30.53
CA ILE A 611 15.23 0.23 -29.46
C ILE A 611 14.35 1.45 -29.72
N ASP A 612 14.69 2.35 -30.65
CA ASP A 612 13.81 3.48 -30.91
C ASP A 612 12.93 3.32 -32.14
N LEU A 613 12.95 2.16 -32.79
CA LEU A 613 12.24 1.98 -34.05
C LEU A 613 10.73 2.01 -33.90
N VAL A 614 10.09 2.65 -34.88
CA VAL A 614 8.63 2.79 -34.96
C VAL A 614 8.00 1.47 -35.35
N THR A 615 7.10 0.97 -34.49
CA THR A 615 6.47 -0.32 -34.67
C THR A 615 4.96 -0.26 -34.62
N ASP A 616 4.38 0.84 -34.15
CA ASP A 616 2.93 0.98 -33.99
C ASP A 616 2.17 0.82 -35.30
C1 NAG B . -17.50 26.38 -4.00
C2 NAG B . -17.14 27.88 -3.88
C3 NAG B . -18.05 28.64 -2.92
C4 NAG B . -19.51 28.27 -3.06
C5 NAG B . -19.66 26.76 -3.07
C6 NAG B . -21.09 26.30 -3.28
C7 NAG B . -14.74 28.11 -4.34
C8 NAG B . -13.38 28.26 -3.73
N2 NAG B . -15.74 28.02 -3.47
O3 NAG B . -17.89 30.02 -3.16
O4 NAG B . -20.24 28.79 -1.96
O5 NAG B . -18.90 26.24 -4.15
O6 NAG B . -21.84 27.27 -4.00
O7 NAG B . -14.92 28.07 -5.54
H1 NAG B . -17.23 25.92 -3.19
H2 NAG B . -17.24 28.28 -4.76
H3 NAG B . -17.76 28.45 -2.00
H4 NAG B . -19.85 28.63 -3.89
H5 NAG B . -19.33 26.39 -2.23
H61 NAG B . -21.09 25.46 -3.77
H62 NAG B . -21.51 26.16 -2.41
H81 NAG B . -13.11 27.42 -3.31
H82 NAG B . -12.73 28.48 -4.43
H83 NAG B . -13.39 28.98 -3.08
HN2 NAG B . -15.56 28.06 -2.57
HO3 NAG B . -17.09 30.18 -3.50
C1 NAG B . -21.19 29.75 -2.45
C2 NAG B . -22.10 30.02 -1.24
C3 NAG B . -23.12 31.13 -1.55
C4 NAG B . -22.51 32.29 -2.35
C5 NAG B . -21.57 31.78 -3.44
C6 NAG B . -20.83 32.88 -4.16
C7 NAG B . -23.23 28.56 0.38
C8 NAG B . -23.87 27.22 0.59
N2 NAG B . -22.77 28.79 -0.86
O3 NAG B . -23.64 31.62 -0.33
O4 NAG B . -23.54 33.02 -3.00
O5 NAG B . -20.60 30.93 -2.84
O6 NAG B . -19.94 32.36 -5.12
O7 NAG B . -23.11 29.38 1.27
H1 NAG B . -21.72 29.38 -3.17
H2 NAG B . -21.53 30.32 -0.50
H3 NAG B . -23.85 30.74 -2.07
H4 NAG B . -22.01 32.86 -1.75
H5 NAG B . -22.09 31.27 -4.10
H61 NAG B . -21.48 33.46 -4.60
H62 NAG B . -20.33 33.42 -3.51
H81 NAG B . -24.76 27.22 0.21
H82 NAG B . -23.33 26.53 0.17
H83 NAG B . -23.94 27.04 1.55
HN2 NAG B . -22.87 28.13 -1.49
HO3 NAG B . -23.38 31.09 0.34
HO6 NAG B . -19.46 31.69 -4.76
C1 BMA B . -24.28 33.88 -2.09
C2 BMA B . -24.77 35.04 -2.95
C3 BMA B . -25.79 35.90 -2.21
C4 BMA B . -26.78 35.09 -1.35
C5 BMA B . -26.12 33.94 -0.59
C6 BMA B . -27.17 33.01 -0.01
O2 BMA B . -25.42 34.55 -4.10
O3 BMA B . -26.61 36.61 -3.13
O4 BMA B . -27.39 35.96 -0.40
O5 BMA B . -25.34 33.17 -1.51
O6 BMA B . -26.52 31.87 0.52
H1 BMA B . -23.60 34.25 -1.30
H2 BMA B . -23.90 35.64 -3.23
H3 BMA B . -25.29 36.64 -1.58
H4 BMA B . -27.53 34.65 -2.02
H5 BMA B . -25.49 34.32 0.23
H61 BMA B . -27.89 32.75 -0.80
H62 BMA B . -27.71 33.58 0.77
HO2 BMA B . -24.77 34.00 -4.56
HO4 BMA B . -28.02 36.48 -0.91
C1 MAN B . -25.91 37.67 -3.81
C2 MAN B . -26.28 38.98 -3.12
C3 MAN B . -27.77 39.22 -3.28
C4 MAN B . -28.17 39.16 -4.76
C5 MAN B . -27.68 37.86 -5.43
C6 MAN B . -27.90 37.88 -6.92
O2 MAN B . -25.64 40.10 -3.73
O3 MAN B . -28.15 40.48 -2.73
O4 MAN B . -29.59 39.22 -4.87
O5 MAN B . -26.27 37.68 -5.18
O6 MAN B . -27.52 36.61 -7.45
H1 MAN B . -24.82 37.53 -3.81
H2 MAN B . -26.02 38.92 -2.06
H3 MAN B . -28.32 38.45 -2.73
H4 MAN B . -27.71 40.02 -5.28
H5 MAN B . -28.25 37.01 -5.01
H61 MAN B . -27.29 38.69 -7.36
H62 MAN B . -28.96 38.10 -7.12
HO2 MAN B . -24.70 39.91 -3.85
HO3 MAN B . -27.50 41.12 -3.07
HO4 MAN B . -29.86 39.90 -4.23
HO6 MAN B . -28.05 36.45 -8.23
C1 MAN B . -26.88 31.69 1.92
C2 MAN B . -26.19 30.41 2.40
C3 MAN B . -26.79 29.23 1.64
C4 MAN B . -28.31 29.18 1.85
C5 MAN B . -28.95 30.52 1.41
C6 MAN B . -30.42 30.60 1.77
O2 MAN B . -26.45 30.16 3.77
O3 MAN B . -26.22 28.01 2.07
O4 MAN B . -28.87 28.13 1.06
O5 MAN B . -28.29 31.62 2.09
O6 MAN B . -30.93 31.85 1.32
H1 MAN B . -26.57 32.55 2.51
H2 MAN B . -25.11 30.47 2.19
H3 MAN B . -26.57 29.33 0.57
H4 MAN B . -28.52 29.03 2.92
H5 MAN B . -28.85 30.63 0.32
H61 MAN B . -30.52 30.49 2.86
H62 MAN B . -30.93 29.75 1.28
HO2 MAN B . -26.01 30.82 4.31
HO3 MAN B . -25.87 28.18 2.96
HO4 MAN B . -28.29 27.38 1.21
HO6 MAN B . -31.87 31.87 1.49
C1 FUC B . -23.21 26.84 -4.06
C2 FUC B . -24.04 27.94 -4.75
C3 FUC B . -23.59 28.12 -6.19
C4 FUC B . -23.70 26.79 -6.93
C5 FUC B . -22.88 25.75 -6.18
C6 FUC B . -22.95 24.35 -6.77
O2 FUC B . -23.97 29.17 -4.04
O3 FUC B . -24.41 29.08 -6.86
O4 FUC B . -25.05 26.38 -6.97
O5 FUC B . -23.31 25.64 -4.82
H1 FUC B . -23.61 26.60 -3.07
H2 FUC B . -25.09 27.63 -4.75
H3 FUC B . -22.54 28.45 -6.20
H4 FUC B . -23.27 26.89 -7.94
H5 FUC B . -21.84 26.11 -6.18
H61 FUC B . -22.63 23.61 -6.03
H62 FUC B . -23.97 24.13 -7.10
H63 FUC B . -22.29 24.28 -7.62
HO2 FUC B . -24.43 29.81 -4.60
HO3 FUC B . -23.90 29.39 -7.60
HO4 FUC B . -25.51 27.10 -7.43
C1 NAG C . -2.81 11.01 26.78
C2 NAG C . -4.14 10.86 27.48
C3 NAG C . -5.04 12.00 27.07
C4 NAG C . -4.42 13.31 27.52
C5 NAG C . -3.01 13.45 26.94
C6 NAG C . -2.24 14.57 27.59
C7 NAG C . -5.31 8.80 28.11
C8 NAG C . -5.92 7.53 27.63
N2 NAG C . -4.76 9.59 27.18
O3 NAG C . -6.32 11.84 27.68
O4 NAG C . -5.18 14.40 27.01
O5 NAG C . -2.22 12.26 27.13
O6 NAG C . -2.18 14.41 29.00
O7 NAG C . -5.32 9.12 29.29
H1 NAG C . -2.95 10.97 25.81
H2 NAG C . -3.99 10.92 28.44
H3 NAG C . -5.14 12.00 26.10
H4 NAG C . -4.38 13.34 28.49
H5 NAG C . -3.08 13.63 25.99
H61 NAG C . -1.33 14.58 27.23
H62 NAG C . -2.67 15.42 27.38
H81 NAG C . -5.24 7.00 27.16
H82 NAG C . -6.26 7.02 28.39
H83 NAG C . -6.66 7.73 27.02
HN2 NAG C . -4.78 9.31 26.31
HO3 NAG C . -6.68 11.08 27.40
HO6 NAG C . -1.60 14.97 29.34
C1 NAG C . -6.08 15.00 27.95
C2 NAG C . -6.21 16.47 27.56
C3 NAG C . -7.18 17.16 28.52
C4 NAG C . -8.50 16.42 28.53
C5 NAG C . -8.26 14.95 28.86
C6 NAG C . -9.52 14.12 28.80
C7 NAG C . -4.21 17.30 26.43
C8 NAG C . -2.89 18.00 26.59
N2 NAG C . -4.92 17.13 27.55
O3 NAG C . -7.36 18.51 28.12
O4 NAG C . -9.37 16.98 29.52
O5 NAG C . -7.35 14.38 27.91
O6 NAG C . -9.21 12.73 28.75
O7 NAG C . -4.61 16.90 25.33
H1 NAG C . -5.71 14.95 28.85
H2 NAG C . -6.60 16.51 26.67
H3 NAG C . -6.79 17.15 29.42
H4 NAG C . -8.91 16.47 27.65
H5 NAG C . -7.88 14.89 29.76
H61 NAG C . -10.06 14.29 29.60
H62 NAG C . -10.03 14.37 28.00
H81 NAG C . -2.22 17.56 26.03
H82 NAG C . -2.99 18.93 26.31
H83 NAG C . -2.62 17.96 27.53
HN2 NAG C . -4.59 17.45 28.33
HO3 NAG C . -6.57 18.92 28.08
HO6 NAG C . -8.37 12.63 28.48
C1 BMA C . -10.41 17.83 29.00
C2 BMA C . -11.73 17.39 29.63
C3 BMA C . -12.84 18.31 29.13
C4 BMA C . -12.51 19.74 29.53
C5 BMA C . -11.16 20.15 28.92
C6 BMA C . -10.70 21.53 29.37
O2 BMA C . -11.70 17.49 31.04
O3 BMA C . -14.14 17.97 29.62
O4 BMA C . -13.52 20.61 29.07
O5 BMA C . -10.14 19.19 29.32
O6 BMA C . -9.49 21.85 28.70
H1 BMA C . -10.48 17.74 27.91
H2 BMA C . -11.92 16.35 29.32
H3 BMA C . -12.89 18.26 28.03
H4 BMA C . -12.41 19.78 30.63
H5 BMA C . -11.25 20.17 27.82
H61 BMA C . -10.56 21.51 30.47
H62 BMA C . -11.51 22.23 29.13
HO2 BMA C . -12.18 16.72 31.38
HO4 BMA C . -14.36 20.21 29.35
C1 MAN C . -14.50 16.61 29.34
C2 MAN C . -16.05 16.56 29.13
C3 MAN C . -16.81 16.61 30.46
C4 MAN C . -16.20 15.68 31.50
C5 MAN C . -14.72 15.99 31.66
C6 MAN C . -14.03 15.13 32.69
O2 MAN C . -16.45 15.33 28.52
O3 MAN C . -18.18 16.27 30.28
O4 MAN C . -16.84 15.86 32.76
O5 MAN C . -14.06 15.77 30.40
O6 MAN C . -12.66 15.47 32.72
H1 MAN C . -13.98 16.24 28.45
H2 MAN C . -16.35 17.41 28.51
H3 MAN C . -16.80 17.64 30.85
H4 MAN C . -16.30 14.64 31.15
H5 MAN C . -14.61 17.05 31.97
H61 MAN C . -14.18 14.07 32.42
H62 MAN C . -14.51 15.31 33.66
HO2 MAN C . -16.28 15.39 27.56
HO3 MAN C . -18.17 15.50 29.68
HO4 MAN C . -17.78 15.98 32.54
HO6 MAN C . -12.26 15.07 33.50
C1 MAN C . -9.13 23.23 29.01
C2 MAN C . -7.95 23.64 28.08
C3 MAN C . -6.67 22.92 28.49
C4 MAN C . -6.40 23.15 29.97
C5 MAN C . -7.60 22.68 30.82
C6 MAN C . -7.41 22.98 32.30
O2 MAN C . -7.65 25.04 28.20
O3 MAN C . -5.55 23.37 27.73
O4 MAN C . -5.25 22.42 30.37
O5 MAN C . -8.80 23.36 30.39
O6 MAN C . -8.55 22.49 32.99
H1 MAN C . -9.99 23.89 28.87
H2 MAN C . -8.20 23.39 27.04
H3 MAN C . -6.79 21.85 28.31
H4 MAN C . -6.25 24.23 30.15
H5 MAN C . -7.72 21.60 30.70
H61 MAN C . -7.30 24.07 32.42
H62 MAN C . -6.49 22.49 32.63
HO2 MAN C . -8.41 25.55 27.89
HO3 MAN C . -5.68 24.32 27.63
HO4 MAN C . -4.61 22.55 29.65
HO6 MAN C . -8.46 22.76 33.92
C1 NAG D . 15.23 7.64 40.14
C2 NAG D . 15.76 8.98 39.63
C3 NAG D . 17.26 9.10 39.96
C4 NAG D . 17.65 8.56 41.34
C5 NAG D . 16.82 7.33 41.74
C6 NAG D . 16.94 7.01 43.22
C7 NAG D . 14.60 9.77 37.61
C8 NAG D . 14.58 9.75 36.12
N2 NAG D . 15.58 9.07 38.19
O3 NAG D . 17.62 10.48 39.89
O4 NAG D . 19.00 8.14 41.25
O5 NAG D . 15.45 7.56 41.49
O6 NAG D . 16.40 5.73 43.51
O7 NAG D . 13.77 10.39 38.27
H1 NAG D . 15.70 6.93 39.69
H2 NAG D . 15.29 9.70 40.06
H3 NAG D . 17.77 8.62 39.28
H4 NAG D . 17.55 9.26 42.01
H5 NAG D . 17.14 6.55 41.23
H61 NAG D . 17.89 7.02 43.48
H62 NAG D . 16.47 7.68 43.73
H81 NAG D . 14.31 8.86 35.81
H82 NAG D . 13.95 10.41 35.79
H83 NAG D . 15.47 9.95 35.78
HN2 NAG D . 16.16 8.63 37.66
HO3 NAG D . 17.26 10.84 39.17
HO6 NAG D . 16.44 5.57 44.38
C1 NAG D . 19.92 9.00 41.99
C2 NAG D . 21.26 8.32 41.86
C3 NAG D . 22.29 9.09 42.68
C4 NAG D . 22.29 10.57 42.30
C5 NAG D . 20.87 11.14 42.21
C6 NAG D . 20.83 12.50 41.56
C7 NAG D . 20.79 5.94 41.48
C8 NAG D . 20.78 4.56 42.08
N2 NAG D . 21.19 6.93 42.29
O3 NAG D . 23.57 8.52 42.46
O4 NAG D . 22.99 11.33 43.27
O5 NAG D . 20.00 10.29 41.44
O6 NAG D . 19.49 12.91 41.30
O7 NAG D . 20.46 6.15 40.31
H1 NAG D . 19.66 9.04 42.92
H2 NAG D . 21.54 8.34 40.93
H3 NAG D . 22.06 9.01 43.63
H4 NAG D . 22.73 10.66 41.43
H5 NAG D . 20.51 11.21 43.12
H61 NAG D . 21.25 13.15 42.15
H62 NAG D . 21.32 12.47 40.72
H81 NAG D . 20.14 4.55 42.82
H82 NAG D . 20.52 3.92 41.39
H83 NAG D . 21.68 4.35 42.40
HN2 NAG D . 21.42 6.73 43.14
HO3 NAG D . 23.99 8.40 43.24
HO6 NAG D . 19.01 12.20 41.04
C1 BMA D . 24.40 11.01 43.36
C2 BMA D . 25.13 12.27 43.86
C3 BMA D . 26.59 11.97 44.14
C4 BMA D . 26.74 10.74 45.04
C5 BMA D . 25.97 9.56 44.42
C6 BMA D . 25.98 8.30 45.25
O2 BMA D . 24.55 12.74 45.07
O3 BMA D . 27.24 13.08 44.76
O4 BMA D . 28.11 10.39 45.16
O5 BMA D . 24.60 9.95 44.26
O6 BMA D . 25.12 7.36 44.64
H1 BMA D . 24.78 10.73 42.36
H2 BMA D . 25.05 13.04 43.07
H3 BMA D . 27.13 11.78 43.21
H4 BMA D . 26.29 10.96 46.03
H5 BMA D . 26.41 9.31 43.43
H61 BMA D . 25.64 8.55 46.27
H62 BMA D . 27.02 7.94 45.31
HO2 BMA D . 23.59 12.71 44.92
HO3 BMA D . 26.59 13.44 45.39
HO4 BMA D . 28.54 11.18 45.55
HO6 BMA D . 25.21 6.51 45.11
C1 NAG E . 27.21 6.18 1.75
C2 NAG E . 28.33 5.60 2.56
C3 NAG E . 29.33 6.71 2.81
C4 NAG E . 29.82 7.27 1.49
C5 NAG E . 28.66 7.63 0.57
C6 NAG E . 29.11 7.88 -0.86
C7 NAG E . 28.01 3.75 4.12
C8 NAG E . 27.48 3.34 5.45
N2 NAG E . 27.86 5.04 3.80
O3 NAG E . 30.43 6.18 3.55
O4 NAG E . 30.55 8.47 1.73
O5 NAG E . 27.69 6.58 0.50
O6 NAG E . 29.68 6.70 -1.42
O7 NAG E . 28.54 2.95 3.36
H1 NAG E . 26.88 6.96 2.22
H2 NAG E . 28.77 4.92 2.02
H3 NAG E . 28.91 7.42 3.33
H4 NAG E . 30.39 6.61 1.05
H5 NAG E . 28.23 8.44 0.90
H61 NAG E . 28.34 8.14 -1.40
H62 NAG E . 29.77 8.60 -0.87
H81 NAG E . 27.70 4.01 6.12
H82 NAG E . 26.51 3.24 5.41
H83 NAG E . 27.88 2.49 5.72
HN2 NAG E . 27.46 5.60 4.41
HO3 NAG E . 30.13 5.82 4.30
HO6 NAG E . 29.04 6.11 -1.59
C1 NAG E . 31.90 8.22 1.36
C2 NAG E . 32.63 9.52 1.47
C3 NAG E . 34.03 9.31 0.94
C4 NAG E . 34.71 8.25 1.80
C5 NAG E . 33.84 6.99 1.94
C6 NAG E . 34.32 6.06 3.03
C7 NAG E . 31.37 11.61 1.34
C8 NAG E . 30.71 12.62 0.45
N2 NAG E . 31.95 10.57 0.73
O3 NAG E . 34.75 10.53 1.00
O4 NAG E . 35.95 7.86 1.22
O5 NAG E . 32.47 7.30 2.26
O6 NAG E . 33.27 5.26 3.53
O7 NAG E . 31.37 11.73 2.56
H1 NAG E . 31.97 7.88 0.44
H2 NAG E . 32.69 9.76 2.41
H3 NAG E . 33.99 9.00 0.02
H4 NAG E . 34.87 8.61 2.70
H5 NAG E . 33.86 6.51 1.09
H61 NAG E . 35.03 5.48 2.67
H62 NAG E . 34.69 6.59 3.76
H81 NAG E . 30.02 13.10 0.95
H82 NAG E . 31.38 13.24 0.12
H83 NAG E . 30.29 12.15 -0.30
HN2 NAG E . 31.92 10.52 -0.17
HO3 NAG E . 35.27 10.60 0.28
HO6 NAG E . 32.49 5.61 3.30
C1 BMA E . 36.95 8.89 1.31
C2 BMA E . 38.28 8.20 1.59
C3 BMA E . 39.40 9.23 1.57
C4 BMA E . 39.35 10.10 0.29
C5 BMA E . 37.95 10.68 0.09
C6 BMA E . 37.81 11.41 -1.24
O2 BMA E . 38.57 7.25 0.59
O3 BMA E . 40.68 8.59 1.66
O4 BMA E . 40.27 11.16 0.40
O5 BMA E . 36.99 9.62 0.10
O6 BMA E . 36.45 11.77 -1.41
H1 BMA E . 36.70 9.59 2.14
H2 BMA E . 38.22 7.73 2.58
H3 BMA E . 39.32 9.90 2.43
H4 BMA E . 39.58 9.45 -0.58
H5 BMA E . 37.72 11.39 0.90
H61 BMA E . 38.16 10.74 -2.03
H62 BMA E . 38.47 12.29 -1.20
HO2 BMA E . 37.75 6.78 0.42
HO3 BMA E . 40.58 7.76 1.17
HO4 BMA E . 41.15 10.75 0.41
HO6 BMA E . 36.39 12.31 -2.20
C1 NAG F . 6.86 29.10 3.62
C2 NAG F . 6.11 30.18 4.35
C3 NAG F . 6.96 31.44 4.39
C4 NAG F . 8.30 31.13 5.05
C5 NAG F . 8.95 29.89 4.43
C6 NAG F . 10.08 29.36 5.27
C7 NAG F . 3.65 30.16 4.30
C8 NAG F . 2.43 30.51 3.51
N2 NAG F . 4.83 30.45 3.73
O3 NAG F . 6.29 32.45 5.13
O4 NAG F . 9.19 32.21 4.83
O5 NAG F . 8.01 28.81 4.31
O6 NAG F . 9.59 28.88 6.51
O7 NAG F . 3.58 29.63 5.41
H1 NAG F . 7.09 29.43 2.73
H2 NAG F . 5.96 29.88 5.28
H3 NAG F . 7.12 31.75 3.48
H4 NAG F . 8.16 30.98 6.01
H5 NAG F . 9.28 30.11 3.54
H61 NAG F . 10.53 28.63 4.79
H62 NAG F . 10.73 30.08 5.42
H81 NAG F . 2.09 31.37 3.83
H82 NAG F . 2.66 30.59 2.57
H83 NAG F . 1.75 29.83 3.63
HN2 NAG F . 4.82 30.85 2.91
HO3 NAG F . 5.44 32.47 4.89
HO6 NAG F . 10.27 28.87 7.10
C1 NAG F . 9.30 33.13 5.93
C2 NAG F . 10.47 34.02 5.61
C3 NAG F . 10.72 34.93 6.78
C4 NAG F . 9.49 35.82 6.96
C5 NAG F . 8.23 34.97 7.12
C6 NAG F . 6.96 35.79 6.98
C7 NAG F . 12.27 32.43 6.17
C8 NAG F . 13.48 31.71 5.65
N2 NAG F . 11.66 33.24 5.29
O3 NAG F . 11.87 35.72 6.53
O4 NAG F . 9.66 36.64 8.11
O5 NAG F . 8.13 33.93 6.11
O6 NAG F . 5.90 35.00 6.44
O7 NAG F . 11.86 32.29 7.32
H1 NAG F . 9.48 32.63 6.76
H2 NAG F . 10.23 34.55 4.83
H3 NAG F . 10.86 34.41 7.59
H4 NAG F . 9.40 36.39 6.17
H5 NAG F . 8.23 34.55 7.99
H61 NAG F . 6.70 36.12 7.86
H62 NAG F . 7.13 36.53 6.38
H81 NAG F . 13.22 31.10 4.95
H82 NAG F . 14.11 32.36 5.30
H83 NAG F . 13.90 31.22 6.39
HN2 NAG F . 12.00 33.30 4.45
HO3 NAG F . 12.59 35.20 6.51
HO6 NAG F . 6.21 34.21 6.19
C1 BMA F . 9.67 38.05 7.81
C2 BMA F . 9.51 38.82 9.14
C3 BMA F . 9.51 40.31 8.89
C4 BMA F . 10.79 40.73 8.17
C5 BMA F . 10.95 39.91 6.87
C6 BMA F . 12.29 40.19 6.19
O2 BMA F . 10.60 38.55 10.01
O3 BMA F . 9.40 41.05 10.10
O4 BMA F . 10.73 42.10 7.83
O5 BMA F . 10.87 38.48 7.15
O6 BMA F . 13.32 39.92 7.12
H1 BMA F . 8.81 38.29 7.16
H2 BMA F . 8.56 38.51 9.61
H3 BMA F . 8.65 40.60 8.27
H4 BMA F . 11.65 40.51 8.81
H5 BMA F . 10.15 40.19 6.16
H61 BMA F . 12.29 41.24 5.85
H62 BMA F . 12.34 39.54 5.30
HO2 BMA F . 10.55 39.20 10.72
HO3 BMA F . 8.47 41.01 10.34
HO4 BMA F . 10.57 42.56 8.67
HO6 BMA F . 14.16 40.18 6.71
C1 NAG G . 26.03 -12.91 -15.37
C2 NAG G . 27.48 -13.24 -15.59
C3 NAG G . 28.17 -12.11 -16.37
C4 NAG G . 27.31 -11.57 -17.52
C5 NAG G . 25.82 -11.51 -17.18
C6 NAG G . 24.96 -11.33 -18.40
C7 NAG G . 28.22 -14.63 -13.71
C8 NAG G . 28.96 -14.65 -12.40
N2 NAG G . 28.16 -13.44 -14.32
O3 NAG G . 29.40 -12.61 -16.89
O4 NAG G . 27.72 -10.23 -17.77
O5 NAG G . 25.43 -12.74 -16.58
O6 NAG G . 23.75 -10.65 -18.08
O7 NAG G . 27.71 -15.63 -14.17
H1 NAG G . 25.97 -12.08 -14.86
H2 NAG G . 27.54 -14.06 -16.11
H3 NAG G . 28.36 -11.38 -15.75
H4 NAG G . 27.45 -12.12 -18.30
H5 NAG G . 25.66 -10.77 -16.56
H61 NAG G . 25.44 -10.81 -19.08
H62 NAG G . 24.73 -12.21 -18.77
H81 NAG G . 29.92 -14.68 -12.58
H82 NAG G . 28.75 -13.84 -11.89
H83 NAG G . 28.70 -15.44 -11.89
HN2 NAG G . 28.57 -12.73 -13.92
HO3 NAG G . 29.86 -13.00 -16.24
HO6 NAG G . 23.15 -10.79 -18.72
C1 NAG G . 28.22 -10.10 -19.10
C2 NAG G . 28.54 -8.64 -19.27
C3 NAG G . 29.00 -8.41 -20.69
C4 NAG G . 30.21 -9.29 -20.98
C5 NAG G . 29.95 -10.75 -20.57
C6 NAG G . 31.20 -11.61 -20.57
C7 NAG G . 27.03 -7.47 -17.72
C8 NAG G . 25.79 -6.65 -17.59
N2 NAG G . 27.37 -7.82 -18.96
O3 NAG G . 29.34 -7.04 -20.85
O4 NAG G . 30.52 -9.25 -22.37
O5 NAG G . 29.41 -10.83 -19.24
O6 NAG G . 31.04 -12.74 -19.74
O7 NAG G . 27.70 -7.80 -16.75
H1 NAG G . 27.57 -10.38 -19.76
H2 NAG G . 29.26 -8.40 -18.66
H3 NAG G . 28.28 -8.64 -21.30
H4 NAG G . 30.97 -8.95 -20.47
H5 NAG G . 29.31 -11.15 -21.20
H61 NAG G . 31.39 -11.89 -21.48
H62 NAG G . 31.95 -11.07 -20.24
H81 NAG G . 25.77 -6.22 -16.71
H82 NAG G . 25.77 -5.97 -18.29
H83 NAG G . 25.01 -7.24 -17.67
HN2 NAG G . 26.83 -7.56 -19.65
HO3 NAG G . 28.65 -6.53 -20.65
HO6 NAG G . 30.42 -12.58 -19.12
C1 BMA G . 31.91 -9.04 -22.64
C2 BMA G . 32.29 -9.94 -23.85
C3 BMA G . 33.67 -9.60 -24.35
C4 BMA G . 33.82 -8.10 -24.61
C5 BMA G . 33.48 -7.30 -23.35
C6 BMA G . 33.44 -5.82 -23.65
O2 BMA G . 31.40 -9.73 -24.94
O3 BMA G . 33.97 -10.30 -25.54
O4 BMA G . 35.15 -7.82 -24.99
O5 BMA G . 32.16 -7.66 -22.87
O6 BMA G . 33.00 -5.13 -22.50
H1 BMA G . 32.52 -9.36 -21.77
H2 BMA G . 32.25 -10.99 -23.52
H3 BMA G . 34.43 -9.89 -23.61
H4 BMA G . 33.10 -7.82 -25.39
H5 BMA G . 34.23 -7.47 -22.56
H61 BMA G . 32.76 -5.65 -24.51
H62 BMA G . 34.45 -5.52 -23.96
HO2 BMA G . 31.90 -9.96 -25.73
HO3 BMA G . 34.40 -11.13 -25.26
HO4 BMA G . 35.35 -8.43 -25.72
HO6 BMA G . 33.07 -4.18 -22.67
ZN ZN H . -5.06 5.62 2.05
C1 NAG I . 4.46 -15.63 33.29
C2 NAG I . 4.33 -16.15 31.86
C3 NAG I . 4.16 -17.66 31.88
C4 NAG I . 5.28 -18.32 32.69
C5 NAG I . 5.39 -17.65 34.07
C6 NAG I . 6.55 -18.17 34.89
C7 NAG I . 3.14 -15.35 29.86
C8 NAG I . 1.91 -14.69 29.35
N2 NAG I . 3.20 -15.52 31.19
O3 NAG I . 4.19 -18.15 30.54
O4 NAG I . 4.99 -19.70 32.88
O5 NAG I . 5.58 -16.24 33.91
O6 NAG I . 7.80 -17.87 34.28
O7 NAG I . 4.05 -15.70 29.13
H1 NAG I . 3.67 -15.92 33.79
H2 NAG I . 5.15 -15.93 31.38
H3 NAG I . 3.30 -17.88 32.28
H4 NAG I . 6.12 -18.22 32.22
H5 NAG I . 4.56 -17.81 34.56
H61 NAG I . 6.51 -17.77 35.77
H62 NAG I . 6.46 -19.14 34.97
H81 NAG I . 1.97 -14.59 28.38
H82 NAG I . 1.13 -15.25 29.56
H83 NAG I . 1.80 -13.82 29.76
HN2 NAG I . 2.49 -15.24 31.69
HO3 NAG I . 4.20 -19.05 30.55
HO4 NAG I . 5.75 -20.15 32.93
HO6 NAG I . 8.44 -18.31 34.70
C1 NAG J . -29.66 -4.79 -12.54
C2 NAG J . -30.19 -4.65 -11.12
C3 NAG J . -29.90 -5.94 -10.35
C4 NAG J . -30.58 -7.10 -11.06
C5 NAG J . -30.15 -7.18 -12.52
C6 NAG J . -30.97 -8.17 -13.32
C7 NAG J . -30.32 -2.47 -10.01
C8 NAG J . -29.56 -1.38 -9.32
N2 NAG J . -29.59 -3.51 -10.44
O3 NAG J . -30.39 -5.82 -9.02
O4 NAG J . -30.25 -8.32 -10.41
O5 NAG J . -30.30 -5.90 -13.18
O6 NAG J . -30.82 -9.49 -12.81
O7 NAG J . -31.53 -2.41 -10.16
H1 NAG J . -28.70 -4.96 -12.50
H2 NAG J . -31.16 -4.54 -11.16
H3 NAG J . -28.94 -6.10 -10.34
H4 NAG J . -31.55 -6.98 -11.01
H5 NAG J . -29.22 -7.44 -12.57
H61 NAG J . -31.92 -7.92 -13.26
H62 NAG J . -30.69 -8.14 -14.24
H81 NAG J . -30.15 -0.64 -9.13
H82 NAG J . -29.19 -1.72 -8.48
H83 NAG J . -28.82 -1.09 -9.89
HN2 NAG J . -28.69 -3.51 -10.30
HO3 NAG J . -30.06 -5.08 -8.65
HO4 NAG J . -30.43 -8.26 -9.54
HO6 NAG J . -30.71 -9.46 -11.94
#